data_9D58
#
_entry.id   9D58
#
_cell.length_a   59.774
_cell.length_b   143.138
_cell.length_c   59.862
_cell.angle_alpha   90.000
_cell.angle_beta   102.210
_cell.angle_gamma   90.000
#
_symmetry.space_group_name_H-M   'P 1 21 1'
#
loop_
_entity.id
_entity.type
_entity.pdbx_description
1 polymer Dystrophin
2 water water
#
_entity_poly.entity_id   1
_entity_poly.type   'polypeptide(L)'
_entity_poly.pdbx_seq_one_letter_code
;STGLWWEEVEDSYEREDVQKKTFTKWVNAQFSKFGKQHIENLFSDLQDGRRLLDLLEGLTGQKLPKEKGSTRVHALNNVN
KALRVLQNNNVDLVNIGSTDIVDGNHKLTLGLIWNIILHWQVKNVMKNIMAGLQQTNSEKILLSWVRQSTRNYPQVNVIN
FTTSWSDGLALNALIHSHRPDLFDWNSVVSQQSATQRLEHAFNIARYQLGIEKLLDPEDVDTTYPDKKSILMYITSLFQV
LPQQVSIE
;
_entity_poly.pdbx_strand_id   A,B,C,D
#
# COMPACT_ATOMS: atom_id res chain seq x y z
N TYR A 13 -22.23 -8.44 -25.20
CA TYR A 13 -22.20 -8.15 -23.76
C TYR A 13 -21.42 -6.89 -23.41
N GLU A 14 -21.33 -5.95 -24.35
CA GLU A 14 -20.71 -4.64 -24.13
C GLU A 14 -21.72 -3.62 -24.63
N ARG A 15 -22.61 -3.17 -23.75
CA ARG A 15 -23.84 -2.48 -24.13
C ARG A 15 -23.82 -1.05 -23.57
N GLU A 16 -23.81 -0.05 -24.46
CA GLU A 16 -23.45 1.31 -24.09
C GLU A 16 -24.60 2.13 -23.52
N ASP A 17 -25.85 1.86 -23.93
CA ASP A 17 -26.99 2.56 -23.32
C ASP A 17 -27.21 2.11 -21.88
N VAL A 18 -27.14 0.80 -21.65
CA VAL A 18 -27.21 0.27 -20.29
C VAL A 18 -26.07 0.84 -19.46
N GLN A 19 -24.87 0.93 -20.04
CA GLN A 19 -23.74 1.51 -19.32
C GLN A 19 -24.01 2.96 -18.95
N LYS A 20 -24.56 3.75 -19.88
CA LYS A 20 -24.90 5.13 -19.54
C LYS A 20 -25.80 5.18 -18.31
N LYS A 21 -26.88 4.39 -18.33
CA LYS A 21 -27.83 4.40 -17.22
C LYS A 21 -27.17 3.98 -15.91
N THR A 22 -26.47 2.84 -15.92
CA THR A 22 -25.96 2.27 -14.67
C THR A 22 -24.77 3.06 -14.14
N PHE A 23 -23.89 3.53 -15.03
CA PHE A 23 -22.78 4.37 -14.60
C PHE A 23 -23.29 5.68 -14.00
N THR A 24 -24.35 6.26 -14.55
CA THR A 24 -24.90 7.45 -13.95
C THR A 24 -25.48 7.15 -12.57
N LYS A 25 -26.14 5.99 -12.43
CA LYS A 25 -26.64 5.61 -11.12
C LYS A 25 -25.51 5.47 -10.10
N TRP A 26 -24.37 4.94 -10.53
CA TRP A 26 -23.23 4.82 -9.62
C TRP A 26 -22.67 6.20 -9.24
N VAL A 27 -22.48 7.06 -10.23
CA VAL A 27 -22.00 8.43 -9.97
C VAL A 27 -22.92 9.12 -8.95
N ASN A 28 -24.23 9.00 -9.16
CA ASN A 28 -25.15 9.65 -8.25
C ASN A 28 -25.19 8.94 -6.90
N ALA A 29 -24.86 7.66 -6.84
CA ALA A 29 -24.72 7.00 -5.54
C ALA A 29 -23.56 7.59 -4.76
N GLN A 30 -22.44 7.87 -5.44
CA GLN A 30 -21.34 8.58 -4.78
C GLN A 30 -21.80 9.95 -4.28
N PHE A 31 -22.49 10.69 -5.14
CA PHE A 31 -22.97 12.02 -4.74
C PHE A 31 -23.94 11.94 -3.58
N SER A 32 -24.76 10.89 -3.54
CA SER A 32 -25.64 10.68 -2.39
C SER A 32 -24.84 10.40 -1.13
N LYS A 33 -23.76 9.63 -1.26
CA LYS A 33 -22.86 9.43 -0.12
C LYS A 33 -22.35 10.75 0.41
N PHE A 34 -22.20 11.76 -0.46
CA PHE A 34 -21.67 13.05 -0.02
C PHE A 34 -22.68 14.19 -0.10
N GLY A 35 -23.97 13.89 -0.16
CA GLY A 35 -25.01 14.91 -0.13
C GLY A 35 -25.01 15.94 -1.25
N LYS A 36 -24.23 15.72 -2.31
CA LYS A 36 -24.17 16.65 -3.43
C LYS A 36 -25.23 16.33 -4.47
N GLN A 37 -25.45 17.28 -5.38
CA GLN A 37 -26.53 17.19 -6.36
C GLN A 37 -26.29 16.07 -7.36
N HIS A 38 -27.38 15.41 -7.75
CA HIS A 38 -27.34 14.36 -8.77
C HIS A 38 -27.25 14.96 -10.17
N ILE A 39 -26.64 14.20 -11.09
CA ILE A 39 -26.64 14.56 -12.51
C ILE A 39 -27.76 13.80 -13.20
N GLU A 40 -28.24 14.36 -14.31
CA GLU A 40 -29.34 13.76 -15.06
C GLU A 40 -28.91 13.18 -16.40
N ASN A 41 -27.89 13.74 -17.04
CA ASN A 41 -27.43 13.29 -18.35
C ASN A 41 -25.91 13.20 -18.31
N LEU A 42 -25.37 11.99 -18.45
CA LEU A 42 -23.94 11.79 -18.35
C LEU A 42 -23.17 12.45 -19.50
N PHE A 43 -23.81 12.62 -20.65
CA PHE A 43 -23.15 13.18 -21.84
C PHE A 43 -23.31 14.69 -21.95
N SER A 44 -23.90 15.33 -20.96
CA SER A 44 -23.99 16.78 -20.88
C SER A 44 -23.48 17.33 -19.55
N ASP A 45 -23.76 16.65 -18.44
CA ASP A 45 -23.53 17.18 -17.11
C ASP A 45 -22.09 17.09 -16.63
N LEU A 46 -21.17 16.54 -17.44
CA LEU A 46 -19.76 16.50 -17.09
C LEU A 46 -18.89 17.44 -17.92
N GLN A 47 -19.49 18.19 -18.85
CA GLN A 47 -18.70 18.94 -19.82
C GLN A 47 -17.95 20.09 -19.17
N ASP A 48 -18.56 20.77 -18.21
CA ASP A 48 -17.90 21.92 -17.59
C ASP A 48 -16.81 21.52 -16.61
N GLY A 49 -16.60 20.21 -16.38
CA GLY A 49 -15.51 19.73 -15.57
C GLY A 49 -15.74 19.82 -14.08
N ARG A 50 -16.88 20.37 -13.65
CA ARG A 50 -17.13 20.60 -12.23
C ARG A 50 -17.54 19.32 -11.51
N ARG A 51 -18.58 18.64 -12.02
CA ARG A 51 -19.08 17.45 -11.34
C ARG A 51 -18.08 16.31 -11.36
N LEU A 52 -17.21 16.24 -12.37
CA LEU A 52 -16.12 15.28 -12.33
C LEU A 52 -15.19 15.57 -11.15
N LEU A 53 -14.89 16.86 -10.92
CA LEU A 53 -14.08 17.22 -9.77
C LEU A 53 -14.80 16.90 -8.46
N ASP A 54 -16.12 17.11 -8.40
CA ASP A 54 -16.89 16.71 -7.23
C ASP A 54 -16.75 15.22 -6.95
N LEU A 55 -16.89 14.39 -8.00
CA LEU A 55 -16.77 12.95 -7.87
C LEU A 55 -15.39 12.55 -7.38
N LEU A 56 -14.35 13.14 -7.97
CA LEU A 56 -12.98 12.80 -7.55
C LEU A 56 -12.67 13.35 -6.16
N GLU A 57 -13.31 14.44 -5.76
CA GLU A 57 -13.20 14.92 -4.38
C GLU A 57 -13.75 13.88 -3.42
N GLY A 58 -14.96 13.39 -3.69
CA GLY A 58 -15.53 12.35 -2.85
C GLY A 58 -14.68 11.09 -2.81
N LEU A 59 -14.11 10.70 -3.95
CA LEU A 59 -13.36 9.44 -3.98
C LEU A 59 -11.98 9.56 -3.33
N THR A 60 -11.30 10.69 -3.51
CA THR A 60 -9.96 10.84 -2.95
C THR A 60 -9.96 11.45 -1.56
N GLY A 61 -11.06 12.08 -1.14
CA GLY A 61 -11.10 12.81 0.10
C GLY A 61 -10.34 14.13 0.10
N GLN A 62 -9.83 14.57 -1.06
CA GLN A 62 -9.10 15.83 -1.17
C GLN A 62 -9.97 16.93 -1.74
N LYS A 63 -9.66 18.16 -1.34
CA LYS A 63 -10.27 19.34 -1.95
C LYS A 63 -9.70 19.56 -3.35
N LEU A 64 -10.59 19.69 -4.34
CA LEU A 64 -10.21 19.93 -5.74
C LEU A 64 -10.95 21.17 -6.20
N PRO A 65 -10.35 22.35 -5.99
CA PRO A 65 -11.07 23.59 -6.29
C PRO A 65 -11.34 23.73 -7.78
N LYS A 66 -12.48 24.33 -8.08
CA LYS A 66 -12.89 24.52 -9.47
C LYS A 66 -12.44 25.90 -9.95
N GLU A 67 -12.19 26.00 -11.25
CA GLU A 67 -11.91 27.30 -11.85
C GLU A 67 -13.18 28.12 -11.96
N LYS A 68 -13.05 29.43 -11.76
CA LYS A 68 -14.19 30.31 -11.96
C LYS A 68 -14.22 30.82 -13.39
N GLY A 69 -15.40 30.82 -13.98
CA GLY A 69 -15.60 31.27 -15.35
C GLY A 69 -16.44 30.22 -16.05
N SER A 70 -17.19 30.67 -17.06
CA SER A 70 -18.12 29.79 -17.77
C SER A 70 -17.68 29.55 -19.22
N THR A 71 -16.40 29.78 -19.52
CA THR A 71 -15.93 29.59 -20.89
C THR A 71 -15.33 28.20 -21.03
N ARG A 72 -14.93 27.87 -22.26
CA ARG A 72 -14.40 26.55 -22.55
C ARG A 72 -13.04 26.32 -21.91
N VAL A 73 -12.24 27.39 -21.74
CA VAL A 73 -10.93 27.23 -21.13
C VAL A 73 -11.06 26.83 -19.66
N HIS A 74 -12.09 27.30 -18.96
CA HIS A 74 -12.24 26.95 -17.55
C HIS A 74 -12.65 25.49 -17.40
N ALA A 75 -13.57 25.02 -18.25
CA ALA A 75 -13.92 23.60 -18.27
C ALA A 75 -12.71 22.74 -18.63
N LEU A 76 -11.90 23.19 -19.58
CA LEU A 76 -10.72 22.44 -19.97
C LEU A 76 -9.72 22.37 -18.82
N ASN A 77 -9.62 23.45 -18.03
CA ASN A 77 -8.76 23.45 -16.86
C ASN A 77 -9.29 22.50 -15.78
N ASN A 78 -10.60 22.51 -15.55
CA ASN A 78 -11.20 21.57 -14.61
C ASN A 78 -10.91 20.13 -15.00
N VAL A 79 -11.12 19.80 -16.27
CA VAL A 79 -10.91 18.41 -16.70
C VAL A 79 -9.44 18.05 -16.67
N ASN A 80 -8.55 19.01 -16.98
CA ASN A 80 -7.13 18.75 -16.86
C ASN A 80 -6.75 18.44 -15.42
N LYS A 81 -7.33 19.18 -14.47
CA LYS A 81 -7.11 18.89 -13.05
C LYS A 81 -7.58 17.48 -12.71
N ALA A 82 -8.76 17.11 -13.20
CA ALA A 82 -9.29 15.77 -12.93
C ALA A 82 -8.37 14.69 -13.49
N LEU A 83 -7.90 14.86 -14.72
CA LEU A 83 -7.02 13.88 -15.33
C LEU A 83 -5.67 13.81 -14.62
N ARG A 84 -5.15 14.94 -14.14
CA ARG A 84 -3.92 14.92 -13.37
C ARG A 84 -4.12 14.16 -12.05
N VAL A 85 -5.26 14.34 -11.39
CA VAL A 85 -5.54 13.58 -10.17
C VAL A 85 -5.61 12.09 -10.47
N LEU A 86 -6.30 11.73 -11.55
CA LEU A 86 -6.37 10.32 -11.94
C LEU A 86 -4.99 9.73 -12.20
N GLN A 87 -4.14 10.45 -12.95
CA GLN A 87 -2.79 9.95 -13.20
C GLN A 87 -1.99 9.87 -11.91
N ASN A 88 -2.21 10.82 -10.99
CA ASN A 88 -1.52 10.77 -9.69
C ASN A 88 -1.97 9.57 -8.86
N ASN A 89 -3.19 9.10 -9.08
CA ASN A 89 -3.68 7.90 -8.41
C ASN A 89 -3.35 6.61 -9.17
N ASN A 90 -2.45 6.69 -10.15
CA ASN A 90 -2.03 5.54 -10.96
C ASN A 90 -3.22 4.85 -11.63
N VAL A 91 -4.25 5.63 -11.97
CA VAL A 91 -5.44 5.07 -12.61
C VAL A 91 -5.11 4.67 -14.05
N ASP A 92 -5.53 3.46 -14.43
CA ASP A 92 -5.43 3.04 -15.82
C ASP A 92 -6.44 3.83 -16.64
N LEU A 93 -5.96 4.72 -17.50
CA LEU A 93 -6.83 5.62 -18.26
C LEU A 93 -6.96 5.20 -19.71
N VAL A 94 -8.11 5.53 -20.30
CA VAL A 94 -8.30 5.42 -21.75
C VAL A 94 -7.41 6.47 -22.41
N ASN A 95 -7.24 6.37 -23.74
CA ASN A 95 -6.62 7.45 -24.50
C ASN A 95 -7.59 8.61 -24.52
N ILE A 96 -7.38 9.59 -23.64
CA ILE A 96 -8.31 10.70 -23.49
C ILE A 96 -7.55 12.02 -23.42
N GLY A 97 -8.21 13.07 -23.88
CA GLY A 97 -7.77 14.42 -23.62
C GLY A 97 -8.92 15.18 -22.99
N SER A 98 -8.60 16.36 -22.45
CA SER A 98 -9.64 17.14 -21.78
C SER A 98 -10.73 17.56 -22.75
N THR A 99 -10.36 17.85 -24.00
CA THR A 99 -11.35 18.26 -25.00
C THR A 99 -12.39 17.18 -25.26
N ASP A 100 -12.02 15.91 -25.14
CA ASP A 100 -12.99 14.83 -25.36
C ASP A 100 -14.11 14.89 -24.33
N ILE A 101 -13.77 15.25 -23.09
CA ILE A 101 -14.79 15.37 -22.04
C ILE A 101 -15.55 16.68 -22.17
N VAL A 102 -14.82 17.78 -22.41
CA VAL A 102 -15.46 19.10 -22.51
C VAL A 102 -16.48 19.11 -23.64
N ASP A 103 -16.17 18.42 -24.74
CA ASP A 103 -17.00 18.45 -25.93
C ASP A 103 -17.97 17.27 -26.03
N GLY A 104 -18.12 16.47 -24.98
CA GLY A 104 -19.24 15.55 -24.91
C GLY A 104 -19.12 14.26 -25.70
N ASN A 105 -17.91 13.81 -25.98
CA ASN A 105 -17.69 12.53 -26.65
C ASN A 105 -18.29 11.40 -25.83
N HIS A 106 -19.27 10.68 -26.40
CA HIS A 106 -20.03 9.67 -25.65
C HIS A 106 -19.12 8.52 -25.19
N LYS A 107 -18.40 7.91 -26.14
CA LYS A 107 -17.62 6.73 -25.82
C LYS A 107 -16.53 7.03 -24.80
N LEU A 108 -15.83 8.16 -24.97
CA LEU A 108 -14.74 8.46 -24.06
C LEU A 108 -15.24 8.97 -22.71
N THR A 109 -16.44 9.55 -22.65
CA THR A 109 -17.04 9.87 -21.36
C THR A 109 -17.39 8.61 -20.59
N LEU A 110 -18.12 7.69 -21.25
CA LEU A 110 -18.35 6.35 -20.70
C LEU A 110 -17.04 5.69 -20.26
N GLY A 111 -16.00 5.81 -21.09
CA GLY A 111 -14.75 5.13 -20.78
C GLY A 111 -14.04 5.72 -19.58
N LEU A 112 -14.08 7.05 -19.43
CA LEU A 112 -13.49 7.67 -18.24
C LEU A 112 -14.26 7.27 -16.98
N ILE A 113 -15.59 7.30 -17.05
CA ILE A 113 -16.37 6.89 -15.87
C ILE A 113 -16.10 5.43 -15.55
N TRP A 114 -15.92 4.58 -16.56
CA TRP A 114 -15.61 3.18 -16.29
C TRP A 114 -14.20 3.04 -15.69
N ASN A 115 -13.24 3.82 -16.18
CA ASN A 115 -11.91 3.81 -15.57
C ASN A 115 -12.01 4.12 -14.09
N ILE A 116 -12.82 5.13 -13.74
CA ILE A 116 -12.98 5.54 -12.34
C ILE A 116 -13.66 4.44 -11.54
N ILE A 117 -14.74 3.87 -12.07
CA ILE A 117 -15.46 2.80 -11.38
C ILE A 117 -14.55 1.61 -11.15
N LEU A 118 -13.81 1.20 -12.18
CA LEU A 118 -12.90 0.07 -12.06
C LEU A 118 -11.80 0.35 -11.05
N HIS A 119 -11.31 1.59 -10.99
CA HIS A 119 -10.22 1.87 -10.07
C HIS A 119 -10.70 1.88 -8.62
N TRP A 120 -11.84 2.49 -8.35
CA TRP A 120 -12.30 2.63 -6.98
C TRP A 120 -13.28 1.55 -6.56
N GLN A 121 -14.29 1.27 -7.37
CA GLN A 121 -15.30 0.29 -6.98
C GLN A 121 -14.82 -1.15 -7.10
N VAL A 122 -13.83 -1.42 -7.95
CA VAL A 122 -13.39 -2.78 -8.20
C VAL A 122 -12.01 -2.98 -7.60
N LYS A 123 -11.00 -2.35 -8.21
CA LYS A 123 -9.61 -2.64 -7.82
C LYS A 123 -9.32 -2.20 -6.39
N ASN A 124 -9.77 -1.00 -5.99
CA ASN A 124 -9.41 -0.50 -4.67
C ASN A 124 -10.18 -1.23 -3.57
N VAL A 125 -11.45 -1.51 -3.82
CA VAL A 125 -12.26 -2.29 -2.89
C VAL A 125 -11.59 -3.62 -2.60
N MET A 126 -10.92 -4.18 -3.59
CA MET A 126 -10.44 -5.55 -3.56
C MET A 126 -8.93 -5.62 -3.31
N LYS A 127 -8.29 -4.47 -3.03
CA LYS A 127 -6.84 -4.40 -3.07
C LYS A 127 -6.18 -5.17 -1.92
N ASN A 128 -6.72 -5.06 -0.71
CA ASN A 128 -6.10 -5.76 0.42
C ASN A 128 -6.23 -7.27 0.26
N ILE A 129 -7.42 -7.74 -0.14
CA ILE A 129 -7.62 -9.16 -0.39
C ILE A 129 -6.69 -9.66 -1.47
N MET A 130 -6.48 -8.85 -2.53
CA MET A 130 -5.62 -9.29 -3.63
C MET A 130 -4.16 -9.30 -3.22
N ALA A 131 -3.73 -8.36 -2.37
CA ALA A 131 -2.36 -8.41 -1.88
C ALA A 131 -2.15 -9.60 -0.95
N GLY A 132 -3.18 -9.96 -0.19
CA GLY A 132 -3.12 -11.17 0.62
C GLY A 132 -3.01 -12.43 -0.21
N LEU A 133 -3.97 -12.64 -1.12
CA LEU A 133 -3.97 -13.81 -1.98
C LEU A 133 -2.82 -13.82 -2.98
N GLN A 134 -2.06 -12.73 -3.08
CA GLN A 134 -0.96 -12.60 -4.03
C GLN A 134 -1.43 -12.93 -5.46
N GLN A 135 -2.58 -12.36 -5.82
CA GLN A 135 -3.15 -12.47 -7.15
C GLN A 135 -3.33 -11.08 -7.76
N THR A 136 -3.45 -11.03 -9.08
CA THR A 136 -3.59 -9.75 -9.79
C THR A 136 -4.85 -9.64 -10.63
N ASN A 137 -5.41 -10.75 -11.12
CA ASN A 137 -6.59 -10.72 -11.96
C ASN A 137 -7.83 -10.51 -11.09
N SER A 138 -8.41 -9.31 -11.17
CA SER A 138 -9.55 -8.97 -10.33
C SER A 138 -10.78 -9.81 -10.68
N GLU A 139 -10.99 -10.07 -11.97
CA GLU A 139 -12.15 -10.84 -12.39
C GLU A 139 -12.05 -12.29 -11.92
N LYS A 140 -10.85 -12.88 -12.00
CA LYS A 140 -10.68 -14.25 -11.55
C LYS A 140 -10.95 -14.40 -10.06
N ILE A 141 -10.40 -13.49 -9.25
CA ILE A 141 -10.59 -13.58 -7.81
C ILE A 141 -12.04 -13.32 -7.43
N LEU A 142 -12.70 -12.37 -8.10
CA LEU A 142 -14.10 -12.11 -7.80
C LEU A 142 -14.99 -13.29 -8.20
N LEU A 143 -14.71 -13.90 -9.35
CA LEU A 143 -15.46 -15.07 -9.77
C LEU A 143 -15.25 -16.23 -8.81
N SER A 144 -14.00 -16.46 -8.38
CA SER A 144 -13.72 -17.50 -7.40
C SER A 144 -14.44 -17.22 -6.08
N TRP A 145 -14.48 -15.96 -5.65
CA TRP A 145 -15.20 -15.60 -4.44
C TRP A 145 -16.68 -15.96 -4.55
N VAL A 146 -17.30 -15.61 -5.68
CA VAL A 146 -18.73 -15.92 -5.86
C VAL A 146 -18.94 -17.43 -5.91
N ARG A 147 -18.07 -18.15 -6.62
CA ARG A 147 -18.26 -19.58 -6.81
C ARG A 147 -18.09 -20.34 -5.50
N GLN A 148 -17.04 -20.02 -4.75
CA GLN A 148 -16.82 -20.67 -3.45
CA GLN A 148 -16.83 -20.68 -3.46
C GLN A 148 -17.92 -20.29 -2.46
N SER A 149 -18.39 -19.04 -2.52
CA SER A 149 -19.43 -18.58 -1.60
C SER A 149 -20.75 -19.31 -1.85
N THR A 150 -21.07 -19.60 -3.11
CA THR A 150 -22.35 -20.20 -3.48
C THR A 150 -22.23 -21.70 -3.79
N ARG A 151 -21.15 -22.34 -3.34
CA ARG A 151 -20.90 -23.73 -3.71
C ARG A 151 -22.03 -24.67 -3.28
N ASN A 152 -22.71 -24.37 -2.17
CA ASN A 152 -23.73 -25.27 -1.65
C ASN A 152 -25.14 -24.84 -2.00
N TYR A 153 -25.28 -23.88 -2.93
CA TYR A 153 -26.58 -23.51 -3.45
C TYR A 153 -26.77 -24.19 -4.79
N PRO A 154 -27.64 -25.20 -4.89
CA PRO A 154 -27.60 -26.09 -6.05
C PRO A 154 -28.13 -25.49 -7.35
N GLN A 155 -29.01 -24.49 -7.28
CA GLN A 155 -29.52 -23.87 -8.50
C GLN A 155 -28.55 -22.85 -9.10
N VAL A 156 -27.35 -22.71 -8.55
CA VAL A 156 -26.43 -21.63 -8.90
C VAL A 156 -25.13 -22.24 -9.39
N ASN A 157 -24.68 -21.81 -10.57
CA ASN A 157 -23.36 -22.19 -11.07
C ASN A 157 -22.84 -21.01 -11.90
N VAL A 158 -22.07 -20.14 -11.25
CA VAL A 158 -21.61 -18.90 -11.85
C VAL A 158 -20.31 -19.17 -12.60
N ILE A 159 -20.31 -18.87 -13.90
CA ILE A 159 -19.12 -19.03 -14.74
C ILE A 159 -18.73 -17.74 -15.43
N ASN A 160 -19.49 -16.67 -15.25
CA ASN A 160 -19.20 -15.38 -15.90
C ASN A 160 -19.91 -14.30 -15.10
N PHE A 161 -19.67 -13.05 -15.52
CA PHE A 161 -20.35 -11.89 -14.96
C PHE A 161 -21.38 -11.33 -15.94
N THR A 162 -22.05 -12.22 -16.68
CA THR A 162 -23.15 -11.86 -17.54
C THR A 162 -24.33 -12.82 -17.37
N THR A 163 -24.41 -13.84 -18.22
CA THR A 163 -25.61 -14.68 -18.28
C THR A 163 -25.81 -15.56 -17.05
N SER A 164 -24.75 -15.83 -16.28
CA SER A 164 -24.92 -16.63 -15.06
C SER A 164 -25.79 -15.94 -14.02
N TRP A 165 -26.08 -14.66 -14.21
CA TRP A 165 -26.82 -13.86 -13.24
C TRP A 165 -28.25 -13.58 -13.66
N SER A 166 -28.68 -14.04 -14.85
CA SER A 166 -29.92 -13.55 -15.44
C SER A 166 -31.16 -14.03 -14.70
N ASP A 167 -31.15 -15.26 -14.18
CA ASP A 167 -32.35 -15.77 -13.54
C ASP A 167 -32.50 -15.33 -12.08
N GLY A 168 -31.57 -14.54 -11.57
CA GLY A 168 -31.70 -13.97 -10.24
C GLY A 168 -31.31 -14.89 -9.10
N LEU A 169 -31.03 -16.16 -9.37
CA LEU A 169 -30.71 -17.09 -8.28
C LEU A 169 -29.31 -16.84 -7.73
N ALA A 170 -28.34 -16.57 -8.60
CA ALA A 170 -26.96 -16.40 -8.15
C ALA A 170 -26.82 -15.20 -7.22
N LEU A 171 -27.54 -14.11 -7.52
CA LEU A 171 -27.46 -12.90 -6.70
C LEU A 171 -28.02 -13.14 -5.30
N ASN A 172 -29.21 -13.73 -5.23
CA ASN A 172 -29.80 -14.07 -3.94
C ASN A 172 -28.93 -15.07 -3.18
N ALA A 173 -28.30 -16.01 -3.89
CA ALA A 173 -27.42 -16.99 -3.22
C ALA A 173 -26.17 -16.31 -2.69
N LEU A 174 -25.60 -15.38 -3.43
CA LEU A 174 -24.43 -14.65 -2.95
C LEU A 174 -24.75 -13.83 -1.71
N ILE A 175 -25.92 -13.18 -1.71
CA ILE A 175 -26.34 -12.44 -0.51
C ILE A 175 -26.56 -13.39 0.66
N HIS A 176 -27.28 -14.49 0.41
CA HIS A 176 -27.67 -15.43 1.46
C HIS A 176 -26.46 -16.16 2.07
N SER A 177 -25.48 -16.52 1.24
CA SER A 177 -24.32 -17.25 1.74
C SER A 177 -23.50 -16.42 2.72
N HIS A 178 -23.56 -15.10 2.60
CA HIS A 178 -22.85 -14.21 3.51
C HIS A 178 -23.73 -13.68 4.62
N ARG A 179 -25.05 -13.79 4.49
CA ARG A 179 -26.00 -13.34 5.51
C ARG A 179 -27.18 -14.31 5.51
N PRO A 180 -27.00 -15.52 6.05
CA PRO A 180 -28.11 -16.49 6.07
C PRO A 180 -29.29 -16.06 6.92
N ASP A 181 -29.17 -14.93 7.61
CA ASP A 181 -30.24 -14.49 8.50
C ASP A 181 -31.33 -13.71 7.76
N LEU A 182 -31.06 -13.21 6.55
CA LEU A 182 -31.96 -12.24 5.94
C LEU A 182 -33.24 -12.87 5.41
N PHE A 183 -33.18 -14.12 4.93
CA PHE A 183 -34.38 -14.73 4.36
C PHE A 183 -34.18 -16.23 4.21
N ASP A 184 -35.28 -16.91 3.86
CA ASP A 184 -35.30 -18.35 3.59
C ASP A 184 -35.03 -18.60 2.11
N TRP A 185 -34.02 -19.42 1.83
CA TRP A 185 -33.60 -19.65 0.44
C TRP A 185 -34.72 -20.26 -0.41
N ASN A 186 -35.49 -21.18 0.16
CA ASN A 186 -36.54 -21.84 -0.60
C ASN A 186 -37.60 -20.84 -1.07
N SER A 187 -37.76 -19.73 -0.36
CA SER A 187 -38.72 -18.71 -0.77
C SER A 187 -38.28 -18.02 -2.06
N VAL A 188 -36.98 -17.88 -2.27
CA VAL A 188 -36.48 -17.37 -3.55
C VAL A 188 -36.58 -18.44 -4.62
N VAL A 189 -36.17 -19.67 -4.30
CA VAL A 189 -36.28 -20.74 -5.28
C VAL A 189 -37.72 -20.95 -5.71
N SER A 190 -38.68 -20.71 -4.81
CA SER A 190 -40.09 -20.87 -5.17
C SER A 190 -40.60 -19.73 -6.03
N GLN A 191 -39.88 -18.62 -6.10
CA GLN A 191 -40.21 -17.57 -7.05
C GLN A 191 -39.86 -18.04 -8.45
N GLN A 192 -40.86 -18.16 -9.32
CA GLN A 192 -40.61 -18.59 -10.69
C GLN A 192 -40.14 -17.44 -11.57
N SER A 193 -40.41 -16.21 -11.20
CA SER A 193 -40.07 -15.03 -12.00
C SER A 193 -38.66 -14.57 -11.67
N ALA A 194 -37.80 -14.51 -12.69
CA ALA A 194 -36.46 -13.96 -12.50
C ALA A 194 -36.53 -12.48 -12.13
N THR A 195 -37.57 -11.78 -12.60
CA THR A 195 -37.73 -10.38 -12.23
C THR A 195 -37.98 -10.23 -10.73
N GLN A 196 -38.84 -11.08 -10.16
CA GLN A 196 -39.10 -10.99 -8.72
C GLN A 196 -37.84 -11.32 -7.92
N ARG A 197 -37.08 -12.33 -8.34
CA ARG A 197 -35.84 -12.67 -7.65
C ARG A 197 -34.83 -11.52 -7.71
N LEU A 198 -34.70 -10.91 -8.89
CA LEU A 198 -33.76 -9.80 -9.04
C LEU A 198 -34.18 -8.62 -8.18
N GLU A 199 -35.47 -8.29 -8.15
CA GLU A 199 -35.94 -7.19 -7.33
C GLU A 199 -35.78 -7.49 -5.85
N HIS A 200 -36.00 -8.75 -5.46
CA HIS A 200 -35.83 -9.18 -4.08
C HIS A 200 -34.39 -8.95 -3.63
N ALA A 201 -33.43 -9.41 -4.41
CA ALA A 201 -32.02 -9.18 -4.10
C ALA A 201 -31.68 -7.69 -4.09
N PHE A 202 -32.20 -6.94 -5.07
CA PHE A 202 -31.93 -5.51 -5.15
C PHE A 202 -32.44 -4.78 -3.92
N ASN A 203 -33.65 -5.13 -3.46
CA ASN A 203 -34.24 -4.46 -2.30
C ASN A 203 -33.49 -4.80 -1.02
N ILE A 204 -33.07 -6.06 -0.88
CA ILE A 204 -32.23 -6.42 0.26
C ILE A 204 -30.94 -5.60 0.26
N ALA A 205 -30.25 -5.58 -0.89
CA ALA A 205 -28.98 -4.88 -0.97
C ALA A 205 -29.15 -3.38 -0.75
N ARG A 206 -30.28 -2.82 -1.15
CA ARG A 206 -30.53 -1.39 -1.04
C ARG A 206 -30.85 -1.00 0.40
N TYR A 207 -31.80 -1.71 1.02
CA TYR A 207 -32.32 -1.26 2.30
C TYR A 207 -31.68 -1.94 3.50
N GLN A 208 -31.05 -3.11 3.33
CA GLN A 208 -30.36 -3.76 4.43
C GLN A 208 -28.86 -3.81 4.27
N LEU A 209 -28.32 -3.56 3.08
CA LEU A 209 -26.87 -3.52 2.89
C LEU A 209 -26.35 -2.17 2.44
N GLY A 210 -27.22 -1.19 2.18
CA GLY A 210 -26.78 0.16 1.85
C GLY A 210 -26.20 0.33 0.47
N ILE A 211 -26.62 -0.47 -0.50
CA ILE A 211 -26.13 -0.43 -1.87
C ILE A 211 -27.21 0.17 -2.76
N GLU A 212 -26.86 1.22 -3.50
CA GLU A 212 -27.84 1.80 -4.40
C GLU A 212 -28.18 0.81 -5.51
N LYS A 213 -29.44 0.84 -5.96
CA LYS A 213 -29.92 -0.07 -6.99
C LYS A 213 -29.38 0.37 -8.35
N LEU A 214 -28.12 0.01 -8.60
CA LEU A 214 -27.47 0.40 -9.85
C LEU A 214 -28.07 -0.31 -11.06
N LEU A 215 -28.69 -1.47 -10.86
CA LEU A 215 -29.17 -2.31 -11.95
C LEU A 215 -30.68 -2.45 -11.89
N ASP A 216 -31.31 -2.45 -13.05
CA ASP A 216 -32.70 -2.81 -13.23
C ASP A 216 -32.79 -4.29 -13.58
N PRO A 217 -33.94 -4.93 -13.33
CA PRO A 217 -34.07 -6.34 -13.73
C PRO A 217 -33.75 -6.57 -15.19
N GLU A 218 -34.19 -5.66 -16.06
CA GLU A 218 -33.94 -5.76 -17.50
C GLU A 218 -32.48 -5.59 -17.87
N ASP A 219 -31.64 -5.09 -16.96
CA ASP A 219 -30.21 -5.07 -17.22
C ASP A 219 -29.55 -6.41 -16.96
N VAL A 220 -30.23 -7.31 -16.23
CA VAL A 220 -29.70 -8.63 -15.89
C VAL A 220 -30.52 -9.74 -16.55
N ASP A 221 -31.84 -9.70 -16.36
CA ASP A 221 -32.76 -10.61 -17.03
C ASP A 221 -32.95 -10.11 -18.46
N THR A 222 -31.94 -10.38 -19.28
CA THR A 222 -31.91 -9.96 -20.67
C THR A 222 -31.01 -10.92 -21.43
N THR A 223 -31.13 -10.89 -22.76
CA THR A 223 -30.37 -11.84 -23.58
C THR A 223 -28.86 -11.59 -23.47
N TYR A 224 -28.45 -10.32 -23.49
CA TYR A 224 -27.02 -9.96 -23.42
C TYR A 224 -26.81 -8.99 -22.26
N PRO A 225 -26.54 -9.51 -21.06
CA PRO A 225 -26.31 -8.62 -19.91
C PRO A 225 -24.98 -7.91 -20.02
N ASP A 226 -24.97 -6.64 -19.67
CA ASP A 226 -23.74 -5.85 -19.72
C ASP A 226 -22.77 -6.31 -18.63
N LYS A 227 -21.58 -6.72 -19.05
CA LYS A 227 -20.62 -7.31 -18.12
C LYS A 227 -20.07 -6.29 -17.14
N LYS A 228 -19.79 -5.08 -17.61
CA LYS A 228 -19.23 -4.05 -16.73
C LYS A 228 -20.23 -3.63 -15.65
N SER A 229 -21.51 -3.52 -16.01
CA SER A 229 -22.53 -3.13 -15.04
C SER A 229 -22.66 -4.18 -13.93
N ILE A 230 -22.69 -5.45 -14.33
CA ILE A 230 -22.82 -6.52 -13.35
C ILE A 230 -21.58 -6.59 -12.47
N LEU A 231 -20.40 -6.49 -13.08
CA LEU A 231 -19.15 -6.48 -12.31
C LEU A 231 -19.13 -5.35 -11.28
N MET A 232 -19.49 -4.14 -11.71
CA MET A 232 -19.67 -3.01 -10.80
C MET A 232 -20.56 -3.36 -9.61
N TYR A 233 -21.75 -3.86 -9.89
CA TYR A 233 -22.70 -4.15 -8.81
C TYR A 233 -22.18 -5.25 -7.89
N ILE A 234 -21.58 -6.30 -8.46
CA ILE A 234 -21.09 -7.42 -7.66
C ILE A 234 -19.92 -6.98 -6.79
N THR A 235 -19.06 -6.10 -7.29
CA THR A 235 -17.96 -5.61 -6.47
C THR A 235 -18.45 -4.66 -5.39
N SER A 236 -19.54 -3.94 -5.63
CA SER A 236 -20.17 -3.17 -4.56
C SER A 236 -20.72 -4.09 -3.47
N LEU A 237 -21.31 -5.21 -3.89
CA LEU A 237 -21.79 -6.19 -2.92
C LEU A 237 -20.62 -6.78 -2.13
N PHE A 238 -19.54 -7.14 -2.82
CA PHE A 238 -18.31 -7.60 -2.17
C PHE A 238 -17.84 -6.56 -1.16
N GLN A 239 -18.02 -5.28 -1.48
CA GLN A 239 -17.55 -4.22 -0.61
C GLN A 239 -18.33 -4.20 0.70
N VAL A 240 -19.64 -4.47 0.65
CA VAL A 240 -20.43 -4.38 1.88
C VAL A 240 -20.75 -5.72 2.56
N LEU A 241 -20.60 -6.85 1.86
CA LEU A 241 -20.99 -8.10 2.52
C LEU A 241 -19.89 -8.56 3.50
N PRO A 242 -20.27 -9.10 4.65
CA PRO A 242 -19.25 -9.56 5.62
C PRO A 242 -18.55 -10.82 5.13
N GLN A 243 -17.23 -10.83 5.23
CA GLN A 243 -16.44 -11.99 4.81
C GLN A 243 -15.43 -12.38 5.89
N GLN A 244 -15.87 -12.39 7.14
CA GLN A 244 -15.04 -12.83 8.27
C GLN A 244 -14.64 -14.29 8.14
N GLU B 14 11.02 -9.52 -10.41
CA GLU B 14 10.38 -9.10 -11.66
C GLU B 14 11.33 -8.24 -12.48
N ARG B 15 12.11 -8.88 -13.35
CA ARG B 15 13.21 -8.23 -14.08
C ARG B 15 13.02 -8.45 -15.57
N GLU B 16 12.64 -7.39 -16.30
CA GLU B 16 12.28 -7.53 -17.71
C GLU B 16 13.50 -7.79 -18.60
N ASP B 17 14.68 -7.33 -18.21
CA ASP B 17 15.87 -7.60 -19.00
C ASP B 17 16.24 -9.08 -18.96
N VAL B 18 16.27 -9.64 -17.75
CA VAL B 18 16.46 -11.07 -17.57
C VAL B 18 15.35 -11.83 -18.29
N GLN B 19 14.12 -11.33 -18.22
CA GLN B 19 13.01 -12.00 -18.88
C GLN B 19 13.22 -12.07 -20.39
N LYS B 20 13.66 -10.98 -21.01
CA LYS B 20 13.97 -11.05 -22.44
C LYS B 20 14.97 -12.16 -22.72
N LYS B 21 16.06 -12.20 -21.94
CA LYS B 21 17.10 -13.22 -22.18
C LYS B 21 16.56 -14.64 -22.00
N THR B 22 15.92 -14.91 -20.86
CA THR B 22 15.53 -16.29 -20.55
C THR B 22 14.32 -16.74 -21.37
N PHE B 23 13.36 -15.85 -21.61
CA PHE B 23 12.24 -16.19 -22.48
C PHE B 23 12.72 -16.49 -23.89
N THR B 24 13.71 -15.74 -24.39
CA THR B 24 14.22 -16.04 -25.72
C THR B 24 14.91 -17.39 -25.73
N LYS B 25 15.67 -17.71 -24.67
CA LYS B 25 16.29 -19.03 -24.59
C LYS B 25 15.23 -20.14 -24.59
N TRP B 26 14.10 -19.91 -23.93
CA TRP B 26 13.03 -20.91 -23.92
C TRP B 26 12.43 -21.09 -25.31
N VAL B 27 12.09 -19.97 -25.97
CA VAL B 27 11.55 -20.01 -27.32
C VAL B 27 12.49 -20.76 -28.25
N ASN B 28 13.79 -20.48 -28.15
CA ASN B 28 14.77 -21.13 -29.02
C ASN B 28 14.97 -22.60 -28.66
N ALA B 29 14.77 -22.98 -27.41
CA ALA B 29 14.78 -24.40 -27.07
C ALA B 29 13.60 -25.12 -27.72
N GLN B 30 12.43 -24.48 -27.70
CA GLN B 30 11.30 -25.05 -28.42
C GLN B 30 11.62 -25.22 -29.90
N PHE B 31 12.21 -24.19 -30.52
CA PHE B 31 12.56 -24.30 -31.93
C PHE B 31 13.61 -25.37 -32.18
N SER B 32 14.56 -25.54 -31.25
CA SER B 32 15.56 -26.59 -31.38
C SER B 32 14.91 -27.98 -31.34
N LYS B 33 13.86 -28.13 -30.54
CA LYS B 33 13.13 -29.40 -30.50
C LYS B 33 12.70 -29.85 -31.89
N PHE B 34 12.46 -28.90 -32.81
CA PHE B 34 12.02 -29.21 -34.17
C PHE B 34 13.03 -28.77 -35.22
N GLY B 35 14.30 -28.56 -34.84
CA GLY B 35 15.31 -28.17 -35.81
C GLY B 35 15.03 -26.86 -36.52
N LYS B 36 14.12 -26.05 -35.99
CA LYS B 36 13.74 -24.80 -36.62
C LYS B 36 14.72 -23.69 -36.24
N GLN B 37 14.71 -22.62 -37.04
CA GLN B 37 15.69 -21.56 -36.87
C GLN B 37 15.44 -20.77 -35.59
N HIS B 38 16.53 -20.40 -34.92
CA HIS B 38 16.43 -19.58 -33.72
C HIS B 38 16.18 -18.12 -34.06
N ILE B 39 15.55 -17.41 -33.14
CA ILE B 39 15.41 -15.97 -33.23
C ILE B 39 16.53 -15.32 -32.43
N GLU B 40 16.87 -14.08 -32.76
CA GLU B 40 17.97 -13.38 -32.12
C GLU B 40 17.54 -12.25 -31.20
N ASN B 41 16.42 -11.59 -31.47
CA ASN B 41 15.93 -10.50 -30.64
C ASN B 41 14.43 -10.69 -30.49
N LEU B 42 13.98 -10.89 -29.24
CA LEU B 42 12.57 -11.17 -29.00
C LEU B 42 11.69 -9.99 -29.40
N PHE B 43 12.21 -8.77 -29.36
CA PHE B 43 11.41 -7.58 -29.57
C PHE B 43 11.35 -7.15 -31.03
N SER B 44 11.96 -7.89 -31.94
CA SER B 44 11.83 -7.64 -33.37
C SER B 44 11.38 -8.87 -34.15
N ASP B 45 11.87 -10.06 -33.79
CA ASP B 45 11.70 -11.27 -34.61
C ASP B 45 10.32 -11.90 -34.49
N LEU B 46 9.42 -11.33 -33.69
CA LEU B 46 8.06 -11.83 -33.59
C LEU B 46 7.04 -10.92 -34.27
N GLN B 47 7.48 -9.81 -34.86
CA GLN B 47 6.54 -8.78 -35.31
C GLN B 47 5.69 -9.25 -36.48
N ASP B 48 6.27 -9.97 -37.44
CA ASP B 48 5.47 -10.38 -38.59
C ASP B 48 4.55 -11.56 -38.30
N GLY B 49 4.60 -12.14 -37.10
CA GLY B 49 3.68 -13.19 -36.70
C GLY B 49 4.04 -14.58 -37.16
N ARG B 50 5.15 -14.76 -37.89
CA ARG B 50 5.48 -16.06 -38.46
C ARG B 50 6.07 -17.01 -37.41
N ARG B 51 7.10 -16.56 -36.69
CA ARG B 51 7.75 -17.41 -35.68
C ARG B 51 6.82 -17.70 -34.50
N LEU B 52 5.90 -16.78 -34.19
CA LEU B 52 4.89 -17.08 -33.17
C LEU B 52 4.04 -18.27 -33.61
N LEU B 53 3.62 -18.29 -34.88
CA LEU B 53 2.87 -19.42 -35.39
C LEU B 53 3.72 -20.68 -35.42
N ASP B 54 5.01 -20.56 -35.73
CA ASP B 54 5.92 -21.69 -35.65
C ASP B 54 5.91 -22.29 -34.24
N LEU B 55 6.04 -21.42 -33.24
CA LEU B 55 6.05 -21.86 -31.84
C LEU B 55 4.74 -22.54 -31.46
N LEU B 56 3.61 -21.95 -31.86
CA LEU B 56 2.33 -22.54 -31.51
C LEU B 56 2.09 -23.84 -32.28
N GLU B 57 2.69 -23.97 -33.46
CA GLU B 57 2.69 -25.25 -34.18
C GLU B 57 3.42 -26.31 -33.36
N GLY B 58 4.62 -25.98 -32.89
CA GLY B 58 5.36 -26.92 -32.06
C GLY B 58 4.62 -27.31 -30.79
N LEU B 59 3.98 -26.34 -30.14
CA LEU B 59 3.33 -26.60 -28.85
C LEU B 59 2.01 -27.34 -29.00
N THR B 60 1.21 -27.01 -30.02
CA THR B 60 -0.08 -27.66 -30.20
C THR B 60 -0.02 -28.89 -31.10
N GLY B 61 1.05 -29.05 -31.88
CA GLY B 61 1.07 -30.12 -32.86
C GLY B 61 0.16 -29.89 -34.05
N GLN B 62 -0.42 -28.69 -34.17
CA GLN B 62 -1.34 -28.34 -35.24
C GLN B 62 -0.60 -27.57 -36.32
N LYS B 63 -0.97 -27.79 -37.58
CA LYS B 63 -0.44 -26.98 -38.67
C LYS B 63 -1.17 -25.63 -38.70
N LEU B 64 -0.40 -24.54 -38.70
CA LEU B 64 -0.92 -23.17 -38.69
C LEU B 64 -0.31 -22.42 -39.84
N PRO B 65 -0.94 -22.45 -41.02
CA PRO B 65 -0.33 -21.84 -42.20
C PRO B 65 -0.18 -20.33 -42.06
N LYS B 66 0.90 -19.82 -42.64
CA LYS B 66 1.24 -18.40 -42.56
C LYS B 66 0.70 -17.62 -43.76
N GLU B 67 0.54 -16.31 -43.55
CA GLU B 67 0.23 -15.40 -44.65
C GLU B 67 1.45 -15.28 -45.56
N LYS B 68 1.18 -15.10 -46.86
CA LYS B 68 2.30 -14.95 -47.79
C LYS B 68 2.79 -13.52 -47.91
N GLY B 69 1.88 -12.55 -47.91
CA GLY B 69 2.27 -11.16 -48.05
C GLY B 69 3.13 -10.67 -46.90
N SER B 70 3.88 -9.60 -47.18
CA SER B 70 4.82 -9.03 -46.23
C SER B 70 4.39 -7.65 -45.72
N THR B 71 3.10 -7.34 -45.81
CA THR B 71 2.60 -6.05 -45.35
C THR B 71 2.08 -6.18 -43.92
N ARG B 72 1.65 -5.05 -43.35
CA ARG B 72 1.19 -5.06 -41.96
C ARG B 72 -0.13 -5.82 -41.82
N VAL B 73 -0.96 -5.83 -42.86
CA VAL B 73 -2.21 -6.59 -42.78
C VAL B 73 -1.90 -8.08 -42.70
N HIS B 74 -0.84 -8.53 -43.38
CA HIS B 74 -0.48 -9.94 -43.35
C HIS B 74 0.10 -10.34 -41.99
N ALA B 75 0.95 -9.47 -41.42
CA ALA B 75 1.44 -9.71 -40.06
C ALA B 75 0.29 -9.71 -39.05
N LEU B 76 -0.65 -8.78 -39.20
CA LEU B 76 -1.78 -8.74 -38.29
C LEU B 76 -2.65 -9.97 -38.43
N ASN B 77 -2.77 -10.52 -39.65
CA ASN B 77 -3.52 -11.75 -39.84
C ASN B 77 -2.81 -12.93 -39.18
N ASN B 78 -1.48 -13.03 -39.35
CA ASN B 78 -0.71 -14.06 -38.66
C ASN B 78 -0.92 -13.99 -37.14
N VAL B 79 -0.80 -12.79 -36.58
CA VAL B 79 -0.93 -12.65 -35.13
C VAL B 79 -2.37 -12.89 -34.69
N ASN B 80 -3.34 -12.53 -35.52
CA ASN B 80 -4.74 -12.84 -35.21
C ASN B 80 -4.96 -14.33 -35.12
N LYS B 81 -4.39 -15.10 -36.05
CA LYS B 81 -4.49 -16.55 -35.99
C LYS B 81 -3.86 -17.09 -34.72
N ALA B 82 -2.66 -16.59 -34.38
CA ALA B 82 -1.99 -17.05 -33.17
C ALA B 82 -2.82 -16.76 -31.92
N LEU B 83 -3.37 -15.54 -31.82
CA LEU B 83 -4.18 -15.19 -30.66
C LEU B 83 -5.46 -16.01 -30.60
N ARG B 84 -6.05 -16.34 -31.75
CA ARG B 84 -7.23 -17.20 -31.74
C ARG B 84 -6.87 -18.60 -31.25
N VAL B 85 -5.71 -19.11 -31.63
CA VAL B 85 -5.27 -20.42 -31.14
C VAL B 85 -5.07 -20.37 -29.63
N LEU B 86 -4.42 -19.31 -29.14
CA LEU B 86 -4.24 -19.15 -27.69
C LEU B 86 -5.58 -19.10 -26.97
N GLN B 87 -6.53 -18.32 -27.48
CA GLN B 87 -7.85 -18.26 -26.87
C GLN B 87 -8.53 -19.63 -26.90
N ASN B 88 -8.32 -20.40 -27.98
CA ASN B 88 -8.87 -21.75 -28.07
C ASN B 88 -8.27 -22.68 -27.03
N ASN B 89 -7.01 -22.43 -26.63
CA ASN B 89 -6.36 -23.20 -25.59
C ASN B 89 -6.56 -22.64 -24.19
N ASN B 90 -7.52 -21.73 -24.02
CA ASN B 90 -7.81 -21.09 -22.73
C ASN B 90 -6.56 -20.41 -22.14
N VAL B 91 -5.69 -19.93 -23.02
CA VAL B 91 -4.49 -19.21 -22.58
C VAL B 91 -4.89 -17.84 -22.06
N ASP B 92 -4.28 -17.43 -20.95
CA ASP B 92 -4.53 -16.12 -20.35
C ASP B 92 -4.00 -15.01 -21.25
N LEU B 93 -4.91 -14.17 -21.75
CA LEU B 93 -4.53 -13.07 -22.63
C LEU B 93 -4.55 -11.76 -21.84
N VAL B 94 -5.63 -10.99 -21.96
CA VAL B 94 -5.89 -9.79 -21.16
C VAL B 94 -4.93 -8.68 -21.57
N ASN B 95 -5.47 -7.56 -22.03
CA ASN B 95 -4.70 -6.33 -22.29
C ASN B 95 -3.67 -6.54 -23.40
N ILE B 96 -3.96 -7.41 -24.36
CA ILE B 96 -3.05 -7.70 -25.46
C ILE B 96 -3.88 -7.66 -26.75
N GLY B 97 -3.30 -7.07 -27.80
CA GLY B 97 -3.88 -7.14 -29.12
C GLY B 97 -2.84 -7.52 -30.17
N SER B 98 -3.34 -7.82 -31.36
CA SER B 98 -2.44 -8.19 -32.46
C SER B 98 -1.54 -7.03 -32.84
N THR B 99 -2.07 -5.80 -32.78
CA THR B 99 -1.28 -4.63 -33.13
C THR B 99 -0.10 -4.46 -32.18
N ASP B 100 -0.27 -4.82 -30.91
CA ASP B 100 0.83 -4.70 -29.95
C ASP B 100 1.98 -5.63 -30.30
N ILE B 101 1.68 -6.81 -30.87
CA ILE B 101 2.74 -7.72 -31.27
C ILE B 101 3.35 -7.28 -32.60
N VAL B 102 2.50 -6.91 -33.56
CA VAL B 102 2.98 -6.48 -34.88
C VAL B 102 3.83 -5.21 -34.74
N ASP B 103 3.43 -4.30 -33.86
CA ASP B 103 4.11 -3.01 -33.73
C ASP B 103 5.21 -3.00 -32.67
N GLY B 104 5.58 -4.17 -32.13
CA GLY B 104 6.83 -4.30 -31.38
C GLY B 104 6.80 -3.82 -29.95
N ASN B 105 5.63 -3.78 -29.31
CA ASN B 105 5.52 -3.41 -27.90
C ASN B 105 6.27 -4.40 -27.02
N HIS B 106 7.29 -3.90 -26.31
CA HIS B 106 8.18 -4.77 -25.52
C HIS B 106 7.45 -5.45 -24.38
N LYS B 107 6.74 -4.67 -23.54
CA LYS B 107 6.11 -5.26 -22.36
C LYS B 107 5.05 -6.29 -22.75
N LEU B 108 4.23 -6.00 -23.75
CA LEU B 108 3.16 -6.91 -24.13
C LEU B 108 3.67 -8.10 -24.93
N THR B 109 4.78 -7.96 -25.64
CA THR B 109 5.39 -9.13 -26.27
C THR B 109 5.98 -10.07 -25.22
N LEU B 110 6.78 -9.51 -24.29
CA LEU B 110 7.24 -10.27 -23.13
C LEU B 110 6.08 -10.96 -22.42
N GLY B 111 4.97 -10.23 -22.22
CA GLY B 111 3.85 -10.78 -21.49
C GLY B 111 3.13 -11.88 -22.24
N LEU B 112 3.02 -11.76 -23.57
CA LEU B 112 2.43 -12.85 -24.34
C LEU B 112 3.31 -14.09 -24.28
N ILE B 113 4.61 -13.93 -24.43
CA ILE B 113 5.51 -15.07 -24.33
C ILE B 113 5.43 -15.70 -22.93
N TRP B 114 5.28 -14.86 -21.90
CA TRP B 114 5.15 -15.40 -20.55
C TRP B 114 3.83 -16.16 -20.37
N ASN B 115 2.74 -15.64 -20.92
CA ASN B 115 1.49 -16.38 -20.89
C ASN B 115 1.65 -17.74 -21.55
N ILE B 116 2.38 -17.78 -22.67
CA ILE B 116 2.63 -19.04 -23.37
C ILE B 116 3.46 -19.98 -22.50
N ILE B 117 4.51 -19.45 -21.89
CA ILE B 117 5.37 -20.24 -20.99
C ILE B 117 4.56 -20.79 -19.82
N LEU B 118 3.75 -19.93 -19.20
CA LEU B 118 2.95 -20.35 -18.07
C LEU B 118 1.95 -21.41 -18.46
N HIS B 119 1.38 -21.30 -19.66
CA HIS B 119 0.37 -22.28 -20.06
C HIS B 119 1.00 -23.62 -20.38
N TRP B 120 2.10 -23.63 -21.11
CA TRP B 120 2.68 -24.90 -21.56
C TRP B 120 3.77 -25.41 -20.64
N GLN B 121 4.73 -24.55 -20.26
CA GLN B 121 5.84 -25.01 -19.45
C GLN B 121 5.44 -25.22 -17.99
N VAL B 122 4.40 -24.53 -17.52
CA VAL B 122 4.03 -24.59 -16.11
C VAL B 122 2.71 -25.33 -15.93
N LYS B 123 1.61 -24.71 -16.37
CA LYS B 123 0.28 -25.25 -16.09
C LYS B 123 0.05 -26.58 -16.78
N ASN B 124 0.44 -26.70 -18.06
CA ASN B 124 0.13 -27.91 -18.81
C ASN B 124 0.99 -29.08 -18.35
N VAL B 125 2.26 -28.83 -18.01
CA VAL B 125 3.13 -29.89 -17.51
C VAL B 125 2.50 -30.58 -16.31
N MET B 126 1.76 -29.83 -15.49
CA MET B 126 1.25 -30.35 -14.22
C MET B 126 -0.23 -30.68 -14.27
N LYS B 127 -0.86 -30.64 -15.46
CA LYS B 127 -2.32 -30.69 -15.50
C LYS B 127 -2.86 -32.03 -15.00
N ASN B 128 -2.24 -33.14 -15.42
CA ASN B 128 -2.72 -34.45 -14.98
C ASN B 128 -2.48 -34.67 -13.49
N ILE B 129 -1.27 -34.33 -13.01
CA ILE B 129 -0.98 -34.46 -11.58
C ILE B 129 -1.91 -33.58 -10.76
N MET B 130 -2.18 -32.35 -11.21
CA MET B 130 -3.06 -31.47 -10.44
C MET B 130 -4.50 -31.93 -10.48
N ALA B 131 -4.94 -32.52 -11.61
CA ALA B 131 -6.28 -33.09 -11.65
C ALA B 131 -6.39 -34.28 -10.71
N GLY B 132 -5.31 -35.04 -10.54
CA GLY B 132 -5.28 -36.08 -9.54
C GLY B 132 -5.40 -35.49 -8.14
N LEU B 133 -4.49 -34.57 -7.81
CA LEU B 133 -4.51 -33.89 -6.51
C LEU B 133 -5.70 -32.97 -6.35
N GLN B 134 -6.51 -32.78 -7.40
CA GLN B 134 -7.66 -31.89 -7.37
C GLN B 134 -7.25 -30.49 -6.90
N GLN B 135 -6.14 -30.02 -7.45
CA GLN B 135 -5.63 -28.68 -7.16
C GLN B 135 -5.53 -27.86 -8.43
N THR B 136 -5.49 -26.53 -8.26
CA THR B 136 -5.40 -25.59 -9.37
C THR B 136 -4.19 -24.66 -9.29
N ASN B 137 -3.68 -24.40 -8.09
CA ASN B 137 -2.51 -23.55 -7.92
C ASN B 137 -1.25 -24.34 -8.24
N SER B 138 -0.70 -24.14 -9.44
CA SER B 138 0.48 -24.88 -9.85
C SER B 138 1.71 -24.45 -9.07
N GLU B 139 1.82 -23.16 -8.74
CA GLU B 139 3.00 -22.68 -8.03
C GLU B 139 3.05 -23.23 -6.61
N LYS B 140 1.91 -23.29 -5.93
CA LYS B 140 1.88 -23.85 -4.58
C LYS B 140 2.26 -25.32 -4.57
N ILE B 141 1.70 -26.09 -5.50
CA ILE B 141 2.01 -27.51 -5.57
C ILE B 141 3.47 -27.73 -5.95
N LEU B 142 4.00 -26.89 -6.83
CA LEU B 142 5.40 -27.01 -7.22
C LEU B 142 6.33 -26.68 -6.07
N LEU B 143 5.99 -25.66 -5.27
CA LEU B 143 6.78 -25.33 -4.10
C LEU B 143 6.76 -26.47 -3.08
N SER B 144 5.57 -27.04 -2.83
CA SER B 144 5.48 -28.18 -1.92
C SER B 144 6.29 -29.37 -2.43
N TRP B 145 6.26 -29.61 -3.75
CA TRP B 145 7.06 -30.69 -4.33
C TRP B 145 8.55 -30.45 -4.09
N VAL B 146 9.01 -29.22 -4.29
CA VAL B 146 10.43 -28.93 -4.06
C VAL B 146 10.78 -29.15 -2.60
N ARG B 147 9.92 -28.69 -1.70
CA ARG B 147 10.21 -28.77 -0.27
C ARG B 147 10.22 -30.22 0.21
N GLN B 148 9.23 -31.01 -0.21
CA GLN B 148 9.19 -32.41 0.16
C GLN B 148 10.39 -33.16 -0.41
N SER B 149 10.73 -32.92 -1.68
CA SER B 149 11.81 -33.67 -2.32
C SER B 149 13.14 -33.41 -1.64
N THR B 150 13.37 -32.18 -1.16
CA THR B 150 14.66 -31.80 -0.58
C THR B 150 14.61 -31.70 0.94
N ARG B 151 13.58 -32.27 1.57
CA ARG B 151 13.41 -32.13 3.02
C ARG B 151 14.62 -32.64 3.79
N ASN B 152 15.33 -33.65 3.26
CA ASN B 152 16.44 -34.27 3.97
C ASN B 152 17.80 -33.75 3.53
N TYR B 153 17.83 -32.67 2.77
CA TYR B 153 19.09 -32.04 2.45
C TYR B 153 19.24 -30.83 3.35
N PRO B 154 20.10 -30.88 4.37
CA PRO B 154 20.00 -29.90 5.46
C PRO B 154 20.46 -28.51 5.08
N GLN B 155 21.28 -28.37 4.04
CA GLN B 155 21.73 -27.05 3.61
C GLN B 155 20.70 -26.34 2.73
N VAL B 156 19.54 -26.95 2.46
CA VAL B 156 18.57 -26.47 1.49
C VAL B 156 17.24 -26.26 2.20
N ASN B 157 16.67 -25.05 2.08
CA ASN B 157 15.33 -24.80 2.62
C ASN B 157 14.63 -23.79 1.71
N VAL B 158 13.80 -24.30 0.79
CA VAL B 158 13.17 -23.49 -0.25
C VAL B 158 11.83 -22.94 0.25
N ILE B 159 11.68 -21.62 0.20
CA ILE B 159 10.42 -20.95 0.55
C ILE B 159 9.91 -20.06 -0.57
N ASN B 160 10.62 -19.95 -1.69
CA ASN B 160 10.20 -19.08 -2.78
C ASN B 160 10.89 -19.56 -4.05
N PHE B 161 10.55 -18.90 -5.15
CA PHE B 161 11.22 -19.10 -6.44
C PHE B 161 12.12 -17.93 -6.79
N THR B 162 12.79 -17.35 -5.78
CA THR B 162 13.79 -16.31 -6.00
C THR B 162 15.06 -16.58 -5.20
N THR B 163 15.17 -15.95 -4.02
CA THR B 163 16.42 -15.98 -3.26
C THR B 163 16.76 -17.37 -2.70
N SER B 164 15.77 -18.25 -2.56
CA SER B 164 16.04 -19.59 -2.07
C SER B 164 16.91 -20.40 -3.01
N TRP B 165 17.10 -19.94 -4.25
CA TRP B 165 17.85 -20.68 -5.25
C TRP B 165 19.23 -20.08 -5.52
N SER B 166 19.59 -18.97 -4.86
CA SER B 166 20.78 -18.23 -5.24
C SER B 166 22.08 -18.96 -4.92
N ASP B 167 22.12 -19.73 -3.82
CA ASP B 167 23.38 -20.39 -3.48
C ASP B 167 23.61 -21.67 -4.26
N GLY B 168 22.68 -22.06 -5.13
CA GLY B 168 22.87 -23.20 -6.01
C GLY B 168 22.67 -24.55 -5.38
N LEU B 169 22.48 -24.62 -4.06
CA LEU B 169 22.34 -25.90 -3.38
C LEU B 169 20.96 -26.52 -3.64
N ALA B 170 19.91 -25.69 -3.64
CA ALA B 170 18.56 -26.21 -3.79
C ALA B 170 18.35 -26.91 -5.13
N LEU B 171 18.93 -26.38 -6.22
CA LEU B 171 18.75 -27.00 -7.53
C LEU B 171 19.44 -28.36 -7.60
N ASN B 172 20.69 -28.41 -7.14
CA ASN B 172 21.42 -29.68 -7.07
C ASN B 172 20.70 -30.69 -6.19
N ALA B 173 20.11 -30.21 -5.08
CA ALA B 173 19.37 -31.11 -4.18
C ALA B 173 18.08 -31.61 -4.82
N LEU B 174 17.38 -30.75 -5.56
CA LEU B 174 16.17 -31.18 -6.26
C LEU B 174 16.49 -32.24 -7.30
N ILE B 175 17.59 -32.06 -8.04
CA ILE B 175 18.01 -33.08 -9.01
C ILE B 175 18.41 -34.37 -8.30
N HIS B 176 19.24 -34.25 -7.26
CA HIS B 176 19.79 -35.41 -6.57
C HIS B 176 18.70 -36.22 -5.87
N SER B 177 17.70 -35.55 -5.31
CA SER B 177 16.61 -36.23 -4.64
C SER B 177 15.78 -37.07 -5.59
N HIS B 178 15.76 -36.74 -6.88
CA HIS B 178 15.06 -37.52 -7.89
C HIS B 178 15.99 -38.43 -8.68
N ARG B 179 17.29 -38.20 -8.60
CA ARG B 179 18.29 -39.05 -9.26
C ARG B 179 19.50 -39.12 -8.33
N PRO B 180 19.41 -39.88 -7.24
CA PRO B 180 20.55 -40.00 -6.32
C PRO B 180 21.76 -40.64 -6.95
N ASP B 181 21.65 -41.15 -8.17
CA ASP B 181 22.74 -41.79 -8.87
C ASP B 181 23.64 -40.82 -9.62
N LEU B 182 23.19 -39.59 -9.88
CA LEU B 182 23.88 -38.74 -10.85
C LEU B 182 25.19 -38.18 -10.30
N PHE B 183 25.29 -37.96 -9.00
CA PHE B 183 26.51 -37.41 -8.41
C PHE B 183 26.45 -37.59 -6.90
N ASP B 184 27.58 -37.32 -6.25
CA ASP B 184 27.70 -37.39 -4.80
C ASP B 184 27.39 -36.02 -4.18
N TRP B 185 26.45 -36.01 -3.22
CA TRP B 185 25.97 -34.77 -2.62
C TRP B 185 27.10 -34.01 -1.93
N ASN B 186 28.00 -34.72 -1.25
CA ASN B 186 29.07 -34.04 -0.50
C ASN B 186 29.98 -33.26 -1.43
N SER B 187 30.13 -33.69 -2.68
CA SER B 187 30.95 -32.94 -3.63
C SER B 187 30.31 -31.61 -3.97
N VAL B 188 28.98 -31.54 -3.97
CA VAL B 188 28.27 -30.29 -4.19
C VAL B 188 28.39 -29.39 -2.96
N VAL B 189 28.15 -29.95 -1.77
CA VAL B 189 28.25 -29.12 -0.56
C VAL B 189 29.66 -28.57 -0.37
N SER B 190 30.69 -29.30 -0.82
CA SER B 190 32.06 -28.84 -0.67
C SER B 190 32.43 -27.75 -1.68
N GLN B 191 31.64 -27.55 -2.72
CA GLN B 191 31.84 -26.40 -3.59
C GLN B 191 31.41 -25.15 -2.84
N GLN B 192 32.35 -24.23 -2.61
CA GLN B 192 32.01 -22.98 -1.93
C GLN B 192 31.40 -21.95 -2.86
N SER B 193 31.64 -22.07 -4.16
CA SER B 193 31.18 -21.09 -5.14
C SER B 193 29.75 -21.43 -5.57
N ALA B 194 28.83 -20.49 -5.37
CA ALA B 194 27.47 -20.66 -5.86
C ALA B 194 27.43 -20.72 -7.38
N THR B 195 28.38 -20.05 -8.05
CA THR B 195 28.46 -20.14 -9.50
C THR B 195 28.80 -21.56 -9.94
N GLN B 196 29.76 -22.21 -9.27
CA GLN B 196 30.11 -23.57 -9.64
C GLN B 196 28.95 -24.52 -9.40
N ARG B 197 28.23 -24.36 -8.28
CA ARG B 197 27.09 -25.22 -7.99
C ARG B 197 26.00 -25.04 -9.04
N LEU B 198 25.71 -23.78 -9.41
CA LEU B 198 24.68 -23.52 -10.40
C LEU B 198 25.07 -24.09 -11.76
N GLU B 199 26.33 -23.93 -12.15
CA GLU B 199 26.77 -24.48 -13.43
C GLU B 199 26.74 -26.01 -13.41
N HIS B 200 27.09 -26.61 -12.27
CA HIS B 200 27.02 -28.07 -12.13
C HIS B 200 25.60 -28.57 -12.36
N ALA B 201 24.62 -27.95 -11.67
CA ALA B 201 23.23 -28.32 -11.87
C ALA B 201 22.77 -28.06 -13.30
N PHE B 202 23.16 -26.92 -13.87
CA PHE B 202 22.76 -26.58 -15.24
C PHE B 202 23.29 -27.60 -16.24
N ASN B 203 24.55 -28.01 -16.09
CA ASN B 203 25.14 -28.97 -17.03
C ASN B 203 24.53 -30.35 -16.85
N ILE B 204 24.28 -30.78 -15.61
CA ILE B 204 23.58 -32.05 -15.40
C ILE B 204 22.22 -32.02 -16.10
N ALA B 205 21.46 -30.94 -15.87
CA ALA B 205 20.13 -30.84 -16.46
C ALA B 205 20.18 -30.79 -17.98
N ARG B 206 21.22 -30.18 -18.56
CA ARG B 206 21.29 -30.08 -20.02
C ARG B 206 21.73 -31.40 -20.66
N TYR B 207 22.83 -31.97 -20.19
CA TYR B 207 23.41 -33.09 -20.91
C TYR B 207 22.93 -34.45 -20.40
N GLN B 208 22.40 -34.53 -19.19
CA GLN B 208 21.86 -35.78 -18.68
C GLN B 208 20.35 -35.76 -18.51
N LEU B 209 19.72 -34.59 -18.49
CA LEU B 209 18.28 -34.49 -18.40
C LEU B 209 17.62 -33.83 -19.60
N GLY B 210 18.39 -33.31 -20.55
CA GLY B 210 17.79 -32.77 -21.77
C GLY B 210 17.08 -31.44 -21.61
N ILE B 211 17.47 -30.63 -20.63
CA ILE B 211 16.85 -29.34 -20.36
C ILE B 211 17.82 -28.27 -20.84
N GLU B 212 17.36 -27.40 -21.72
CA GLU B 212 18.25 -26.36 -22.24
C GLU B 212 18.62 -25.38 -21.12
N LYS B 213 19.83 -24.84 -21.19
CA LYS B 213 20.35 -23.93 -20.17
C LYS B 213 19.66 -22.57 -20.32
N LEU B 214 18.44 -22.51 -19.78
CA LEU B 214 17.64 -21.29 -19.89
C LEU B 214 18.21 -20.14 -19.06
N LEU B 215 18.93 -20.46 -17.98
CA LEU B 215 19.38 -19.48 -17.01
C LEU B 215 20.90 -19.44 -16.95
N ASP B 216 21.44 -18.25 -16.75
CA ASP B 216 22.84 -18.09 -16.44
C ASP B 216 23.02 -18.10 -14.93
N PRO B 217 24.21 -18.48 -14.44
CA PRO B 217 24.44 -18.41 -12.99
C PRO B 217 24.10 -17.05 -12.41
N GLU B 218 24.42 -15.98 -13.13
CA GLU B 218 24.13 -14.62 -12.68
C GLU B 218 22.64 -14.28 -12.67
N ASP B 219 21.79 -15.09 -13.32
CA ASP B 219 20.36 -14.84 -13.23
C ASP B 219 19.75 -15.36 -11.93
N VAL B 220 20.47 -16.21 -11.20
CA VAL B 220 19.98 -16.81 -9.96
C VAL B 220 20.79 -16.33 -8.75
N ASP B 221 22.11 -16.45 -8.82
CA ASP B 221 22.98 -15.94 -7.76
C ASP B 221 23.12 -14.43 -7.95
N THR B 222 22.08 -13.71 -7.53
CA THR B 222 22.03 -12.27 -7.64
C THR B 222 21.07 -11.75 -6.59
N THR B 223 21.13 -10.44 -6.33
CA THR B 223 20.32 -9.85 -5.27
C THR B 223 18.83 -10.03 -5.54
N TYR B 224 18.39 -9.80 -6.77
CA TYR B 224 16.97 -9.91 -7.13
C TYR B 224 16.80 -10.85 -8.31
N PRO B 225 16.69 -12.15 -8.06
CA PRO B 225 16.49 -13.10 -9.17
C PRO B 225 15.06 -13.00 -9.69
N ASP B 226 14.93 -13.07 -11.01
CA ASP B 226 13.62 -12.99 -11.64
C ASP B 226 12.83 -14.27 -11.33
N LYS B 227 11.67 -14.10 -10.71
CA LYS B 227 10.89 -15.25 -10.25
C LYS B 227 10.31 -16.04 -11.42
N LYS B 228 9.88 -15.36 -12.48
CA LYS B 228 9.27 -16.07 -13.61
C LYS B 228 10.29 -16.96 -14.33
N SER B 229 11.52 -16.50 -14.49
CA SER B 229 12.55 -17.32 -15.11
C SER B 229 12.84 -18.56 -14.27
N ILE B 230 12.88 -18.38 -12.94
CA ILE B 230 13.13 -19.51 -12.03
C ILE B 230 11.98 -20.51 -12.12
N LEU B 231 10.75 -20.02 -12.10
CA LEU B 231 9.57 -20.89 -12.23
C LEU B 231 9.63 -21.68 -13.53
N MET B 232 9.95 -21.00 -14.63
CA MET B 232 10.20 -21.63 -15.92
C MET B 232 11.13 -22.81 -15.80
N TYR B 233 12.33 -22.57 -15.26
CA TYR B 233 13.35 -23.61 -15.20
C TYR B 233 12.92 -24.75 -14.29
N ILE B 234 12.29 -24.44 -13.15
CA ILE B 234 11.92 -25.48 -12.20
C ILE B 234 10.81 -26.36 -12.76
N THR B 235 9.87 -25.79 -13.53
CA THR B 235 8.86 -26.64 -14.15
C THR B 235 9.44 -27.42 -15.32
N SER B 236 10.49 -26.89 -15.97
CA SER B 236 11.21 -27.67 -16.97
C SER B 236 11.88 -28.89 -16.32
N LEU B 237 12.41 -28.71 -15.11
CA LEU B 237 12.95 -29.86 -14.37
C LEU B 237 11.84 -30.81 -13.93
N PHE B 238 10.72 -30.26 -13.44
CA PHE B 238 9.57 -31.08 -13.05
C PHE B 238 9.12 -31.99 -14.18
N GLN B 239 9.21 -31.50 -15.42
CA GLN B 239 8.72 -32.26 -16.57
C GLN B 239 9.54 -33.51 -16.84
N VAL B 240 10.86 -33.44 -16.67
CA VAL B 240 11.72 -34.57 -17.04
C VAL B 240 12.16 -35.41 -15.85
N LEU B 241 12.01 -34.93 -14.63
CA LEU B 241 12.52 -35.74 -13.52
C LEU B 241 11.55 -36.88 -13.23
N PRO B 242 12.07 -38.07 -12.88
CA PRO B 242 11.19 -39.20 -12.58
C PRO B 242 10.44 -38.97 -11.28
N GLN B 243 9.13 -39.21 -11.31
CA GLN B 243 8.28 -39.04 -10.13
C GLN B 243 7.39 -40.27 -9.96
N GLN B 244 8.02 -41.41 -9.73
CA GLN B 244 7.30 -42.68 -9.74
C GLN B 244 6.27 -42.75 -8.62
N VAL B 245 5.03 -43.07 -8.99
CA VAL B 245 3.93 -43.22 -8.03
C VAL B 245 4.19 -44.41 -7.11
N SER C 12 -2.94 24.14 28.05
CA SER C 12 -4.20 24.16 28.77
C SER C 12 -5.37 24.01 27.79
N TYR C 13 -5.04 23.83 26.51
CA TYR C 13 -6.03 23.60 25.47
C TYR C 13 -5.93 22.19 24.89
N GLU C 14 -5.65 21.21 25.75
CA GLU C 14 -5.66 19.79 25.43
C GLU C 14 -6.62 19.11 26.39
N ARG C 15 -7.91 19.11 26.04
CA ARG C 15 -8.98 18.70 26.95
C ARG C 15 -9.52 17.34 26.51
N GLU C 16 -9.22 16.31 27.29
CA GLU C 16 -9.44 14.93 26.83
C GLU C 16 -10.89 14.50 26.89
N ASP C 17 -11.69 15.04 27.82
CA ASP C 17 -13.12 14.70 27.83
C ASP C 17 -13.84 15.32 26.64
N VAL C 18 -13.56 16.60 26.37
CA VAL C 18 -14.08 17.25 25.17
C VAL C 18 -13.62 16.51 23.93
N GLN C 19 -12.36 16.08 23.91
CA GLN C 19 -11.83 15.33 22.77
C GLN C 19 -12.57 14.01 22.59
N LYS C 20 -12.83 13.30 23.68
CA LYS C 20 -13.62 12.07 23.59
C LYS C 20 -14.95 12.35 22.91
N LYS C 21 -15.65 13.39 23.36
CA LYS C 21 -16.96 13.71 22.80
C LYS C 21 -16.87 14.06 21.31
N THR C 22 -15.97 14.97 20.95
CA THR C 22 -15.94 15.48 19.57
C THR C 22 -15.35 14.45 18.60
N PHE C 23 -14.31 13.72 19.03
CA PHE C 23 -13.76 12.64 18.22
C PHE C 23 -14.80 11.55 17.98
N THR C 24 -15.62 11.24 19.01
CA THR C 24 -16.68 10.26 18.80
C THR C 24 -17.70 10.78 17.80
N LYS C 25 -18.02 12.08 17.87
CA LYS C 25 -18.94 12.65 16.88
C LYS C 25 -18.38 12.55 15.47
N TRP C 26 -17.07 12.74 15.30
CA TRP C 26 -16.48 12.59 13.97
C TRP C 26 -16.54 11.14 13.48
N VAL C 27 -16.15 10.19 14.35
CA VAL C 27 -16.23 8.77 14.00
C VAL C 27 -17.64 8.41 13.56
N ASN C 28 -18.63 8.87 14.32
CA ASN C 28 -20.02 8.57 13.99
C ASN C 28 -20.48 9.30 12.74
N ALA C 29 -19.88 10.46 12.43
CA ALA C 29 -20.17 11.11 11.16
C ALA C 29 -19.70 10.27 9.99
N GLN C 30 -18.50 9.68 10.10
CA GLN C 30 -18.05 8.74 9.08
C GLN C 30 -19.02 7.56 8.96
N PHE C 31 -19.39 6.98 10.10
CA PHE C 31 -20.29 5.83 10.08
C PHE C 31 -21.63 6.21 9.46
N SER C 32 -22.08 7.45 9.67
CA SER C 32 -23.30 7.93 9.02
C SER C 32 -23.12 8.04 7.51
N LYS C 33 -21.95 8.51 7.05
CA LYS C 33 -21.68 8.49 5.62
C LYS C 33 -21.80 7.09 5.05
N PHE C 34 -21.48 6.06 5.85
CA PHE C 34 -21.51 4.71 5.33
C PHE C 34 -22.59 3.83 5.98
N GLY C 35 -23.59 4.46 6.60
CA GLY C 35 -24.73 3.75 7.15
C GLY C 35 -24.44 2.72 8.22
N LYS C 36 -23.21 2.70 8.73
CA LYS C 36 -22.82 1.72 9.73
C LYS C 36 -23.23 2.17 11.12
N GLN C 37 -23.23 1.22 12.07
CA GLN C 37 -23.73 1.48 13.40
C GLN C 37 -22.83 2.47 14.13
N HIS C 38 -23.44 3.36 14.91
CA HIS C 38 -22.70 4.32 15.70
C HIS C 38 -22.10 3.66 16.94
N ILE C 39 -20.98 4.22 17.41
CA ILE C 39 -20.42 3.83 18.68
C ILE C 39 -20.90 4.81 19.74
N GLU C 40 -20.96 4.34 20.99
CA GLU C 40 -21.43 5.15 22.10
C GLU C 40 -20.34 5.51 23.09
N ASN C 41 -19.33 4.65 23.25
CA ASN C 41 -18.24 4.88 24.18
C ASN C 41 -16.94 4.58 23.47
N LEU C 42 -16.13 5.62 23.26
CA LEU C 42 -14.89 5.46 22.50
C LEU C 42 -13.89 4.59 23.23
N PHE C 43 -13.95 4.53 24.56
CA PHE C 43 -12.94 3.81 25.34
C PHE C 43 -13.31 2.35 25.58
N SER C 44 -14.44 1.90 25.07
CA SER C 44 -14.85 0.51 25.14
C SER C 44 -15.17 -0.09 23.78
N ASP C 45 -15.80 0.70 22.90
CA ASP C 45 -16.35 0.18 21.65
C ASP C 45 -15.30 -0.03 20.55
N LEU C 46 -14.04 0.26 20.83
CA LEU C 46 -12.98 0.01 19.86
C LEU C 46 -12.06 -1.14 20.25
N GLN C 47 -12.28 -1.78 21.40
CA GLN C 47 -11.30 -2.74 21.92
C GLN C 47 -11.22 -3.99 21.06
N ASP C 48 -12.36 -4.50 20.58
CA ASP C 48 -12.32 -5.74 19.81
C ASP C 48 -11.79 -5.54 18.39
N GLY C 49 -11.48 -4.31 18.00
CA GLY C 49 -10.82 -4.02 16.74
C GLY C 49 -11.71 -4.01 15.51
N ARG C 50 -13.00 -4.30 15.66
CA ARG C 50 -13.88 -4.42 14.49
C ARG C 50 -14.30 -3.06 13.97
N ARG C 51 -14.82 -2.19 14.84
CA ARG C 51 -15.31 -0.89 14.39
C ARG C 51 -14.17 -0.01 13.88
N LEU C 52 -12.96 -0.22 14.39
CA LEU C 52 -11.79 0.44 13.81
C LEU C 52 -11.60 0.03 12.35
N LEU C 53 -11.76 -1.28 12.07
CA LEU C 53 -11.68 -1.74 10.68
C LEU C 53 -12.81 -1.15 9.85
N ASP C 54 -14.02 -1.04 10.42
CA ASP C 54 -15.11 -0.37 9.71
C ASP C 54 -14.73 1.06 9.32
N LEU C 55 -14.15 1.80 10.27
CA LEU C 55 -13.73 3.17 10.02
C LEU C 55 -12.69 3.24 8.91
N LEU C 56 -11.68 2.37 8.98
CA LEU C 56 -10.62 2.39 7.96
C LEU C 56 -11.11 1.90 6.61
N GLU C 57 -12.11 0.99 6.60
CA GLU C 57 -12.75 0.61 5.36
C GLU C 57 -13.42 1.81 4.70
N GLY C 58 -14.20 2.56 5.49
CA GLY C 58 -14.82 3.76 4.96
C GLY C 58 -13.81 4.77 4.44
N LEU C 59 -12.70 4.95 5.16
CA LEU C 59 -11.76 5.99 4.79
C LEU C 59 -10.89 5.61 3.59
N THR C 60 -10.45 4.36 3.51
CA THR C 60 -9.58 3.93 2.42
C THR C 60 -10.36 3.40 1.23
N GLY C 61 -11.64 3.08 1.38
CA GLY C 61 -12.42 2.43 0.34
C GLY C 61 -12.09 0.97 0.10
N GLN C 62 -11.26 0.36 0.94
CA GLN C 62 -10.86 -1.04 0.81
C GLN C 62 -11.65 -1.93 1.76
N LYS C 63 -11.91 -3.17 1.30
CA LYS C 63 -12.49 -4.20 2.16
C LYS C 63 -11.41 -4.73 3.10
N LEU C 64 -11.69 -4.72 4.40
CA LEU C 64 -10.76 -5.18 5.44
C LEU C 64 -11.49 -6.24 6.25
N PRO C 65 -11.39 -7.51 5.86
CA PRO C 65 -12.18 -8.54 6.53
C PRO C 65 -11.76 -8.68 7.98
N LYS C 66 -12.74 -8.96 8.83
CA LYS C 66 -12.50 -9.07 10.26
C LYS C 66 -12.23 -10.52 10.64
N GLU C 67 -11.48 -10.70 11.73
CA GLU C 67 -11.28 -12.04 12.27
C GLU C 67 -12.56 -12.55 12.92
N LYS C 68 -12.80 -13.84 12.80
CA LYS C 68 -13.95 -14.45 13.46
C LYS C 68 -13.54 -14.92 14.85
N GLY C 69 -14.38 -14.62 15.83
CA GLY C 69 -14.10 -15.00 17.20
C GLY C 69 -14.20 -13.82 18.15
N SER C 70 -14.49 -14.13 19.42
CA SER C 70 -14.72 -13.13 20.45
C SER C 70 -13.63 -13.12 21.51
N THR C 71 -12.45 -13.63 21.20
CA THR C 71 -11.36 -13.68 22.16
C THR C 71 -10.45 -12.47 22.00
N ARG C 72 -9.46 -12.36 22.89
CA ARG C 72 -8.55 -11.23 22.86
C ARG C 72 -7.56 -11.30 21.70
N VAL C 73 -7.15 -12.51 21.30
CA VAL C 73 -6.20 -12.65 20.21
C VAL C 73 -6.82 -12.21 18.89
N HIS C 74 -8.12 -12.44 18.71
CA HIS C 74 -8.78 -12.03 17.47
C HIS C 74 -8.89 -10.51 17.39
N ALA C 75 -9.23 -9.88 18.53
CA ALA C 75 -9.20 -8.42 18.61
C ALA C 75 -7.81 -7.87 18.33
N LEU C 76 -6.77 -8.52 18.87
CA LEU C 76 -5.42 -8.05 18.63
C LEU C 76 -5.03 -8.20 17.17
N ASN C 77 -5.51 -9.25 16.51
CA ASN C 77 -5.26 -9.43 15.09
C ASN C 77 -5.95 -8.34 14.26
N ASN C 78 -7.20 -8.04 14.60
CA ASN C 78 -7.91 -6.95 13.93
C ASN C 78 -7.16 -5.63 14.08
N VAL C 79 -6.73 -5.31 15.30
CA VAL C 79 -6.06 -4.04 15.53
C VAL C 79 -4.70 -4.02 14.84
N ASN C 80 -4.01 -5.16 14.78
CA ASN C 80 -2.77 -5.22 14.02
C ASN C 80 -3.01 -4.95 12.54
N LYS C 81 -4.09 -5.49 11.98
CA LYS C 81 -4.44 -5.22 10.59
C LYS C 81 -4.70 -3.73 10.38
N ALA C 82 -5.45 -3.12 11.30
CA ALA C 82 -5.71 -1.68 11.22
C ALA C 82 -4.41 -0.88 11.27
N LEU C 83 -3.50 -1.26 12.16
CA LEU C 83 -2.24 -0.55 12.29
C LEU C 83 -1.38 -0.71 11.05
N ARG C 84 -1.39 -1.89 10.43
CA ARG C 84 -0.66 -2.05 9.16
C ARG C 84 -1.26 -1.19 8.06
N VAL C 85 -2.60 -1.09 8.03
CA VAL C 85 -3.24 -0.24 7.03
C VAL C 85 -2.83 1.21 7.22
N LEU C 86 -2.84 1.67 8.47
CA LEU C 86 -2.43 3.04 8.78
C LEU C 86 -0.98 3.28 8.37
N GLN C 87 -0.08 2.35 8.71
CA GLN C 87 1.32 2.53 8.32
C GLN C 87 1.49 2.52 6.81
N ASN C 88 0.73 1.67 6.11
CA ASN C 88 0.79 1.63 4.65
C ASN C 88 0.26 2.92 4.03
N ASN C 89 -0.64 3.61 4.74
CA ASN C 89 -1.11 4.91 4.30
C ASN C 89 -0.23 6.04 4.79
N ASN C 90 0.98 5.73 5.27
CA ASN C 90 1.93 6.72 5.77
C ASN C 90 1.31 7.59 6.86
N VAL C 91 0.35 7.03 7.60
CA VAL C 91 -0.28 7.78 8.67
C VAL C 91 0.71 7.97 9.80
N ASP C 92 0.85 9.20 10.27
CA ASP C 92 1.68 9.45 11.44
C ASP C 92 0.95 8.88 12.64
N LEU C 93 1.50 7.82 13.22
CA LEU C 93 0.85 7.14 14.33
C LEU C 93 1.51 7.54 15.63
N VAL C 94 0.71 7.55 16.70
CA VAL C 94 1.24 7.76 18.04
C VAL C 94 2.15 6.59 18.39
N ASN C 95 2.92 6.76 19.46
CA ASN C 95 3.72 5.71 20.08
C ASN C 95 2.78 4.66 20.66
N ILE C 96 2.16 3.85 19.79
CA ILE C 96 1.08 2.95 20.18
C ILE C 96 1.33 1.53 19.67
N GLY C 97 0.79 0.56 20.42
CA GLY C 97 0.73 -0.81 19.98
C GLY C 97 -0.70 -1.32 20.05
N SER C 98 -0.91 -2.52 19.48
CA SER C 98 -2.25 -3.09 19.42
C SER C 98 -2.82 -3.35 20.82
N THR C 99 -1.97 -3.78 21.76
CA THR C 99 -2.44 -4.07 23.11
C THR C 99 -3.04 -2.84 23.77
N ASP C 100 -2.52 -1.65 23.45
CA ASP C 100 -3.06 -0.42 24.03
C ASP C 100 -4.50 -0.19 23.58
N ILE C 101 -4.83 -0.55 22.34
CA ILE C 101 -6.20 -0.38 21.87
C ILE C 101 -7.10 -1.48 22.41
N VAL C 102 -6.64 -2.73 22.37
CA VAL C 102 -7.48 -3.83 22.84
C VAL C 102 -7.82 -3.65 24.32
N ASP C 103 -6.89 -3.11 25.09
CA ASP C 103 -7.06 -2.99 26.53
C ASP C 103 -7.61 -1.63 26.99
N GLY C 104 -8.01 -0.76 26.06
CA GLY C 104 -8.80 0.41 26.43
C GLY C 104 -8.03 1.58 27.01
N ASN C 105 -6.75 1.71 26.68
CA ASN C 105 -5.95 2.86 27.11
C ASN C 105 -6.55 4.15 26.57
N HIS C 106 -7.01 5.02 27.48
CA HIS C 106 -7.76 6.21 27.11
C HIS C 106 -6.93 7.16 26.25
N LYS C 107 -5.74 7.52 26.73
CA LYS C 107 -4.93 8.51 26.03
C LYS C 107 -4.51 8.00 24.65
N LEU C 108 -4.08 6.74 24.56
CA LEU C 108 -3.63 6.23 23.27
C LEU C 108 -4.78 5.90 22.32
N THR C 109 -5.97 5.61 22.83
CA THR C 109 -7.13 5.51 21.95
C THR C 109 -7.50 6.87 21.38
N LEU C 110 -7.61 7.88 22.24
CA LEU C 110 -7.76 9.26 21.78
C LEU C 110 -6.69 9.62 20.76
N GLY C 111 -5.44 9.23 21.02
CA GLY C 111 -4.35 9.60 20.15
C GLY C 111 -4.38 8.91 18.80
N LEU C 112 -4.79 7.64 18.76
CA LEU C 112 -4.96 6.95 17.48
C LEU C 112 -6.09 7.59 16.67
N ILE C 113 -7.22 7.87 17.33
CA ILE C 113 -8.32 8.50 16.61
C ILE C 113 -7.91 9.88 16.11
N TRP C 114 -7.11 10.61 16.89
CA TRP C 114 -6.64 11.90 16.43
C TRP C 114 -5.66 11.77 15.27
N ASN C 115 -4.77 10.78 15.31
CA ASN C 115 -3.90 10.54 14.16
C ASN C 115 -4.71 10.29 12.90
N ILE C 116 -5.77 9.50 13.02
CA ILE C 116 -6.64 9.21 11.87
C ILE C 116 -7.31 10.49 11.38
N ILE C 117 -7.85 11.27 12.31
CA ILE C 117 -8.52 12.53 11.97
C ILE C 117 -7.54 13.48 11.28
N LEU C 118 -6.35 13.63 11.84
CA LEU C 118 -5.35 14.51 11.27
C LEU C 118 -4.92 14.05 9.88
N HIS C 119 -4.84 12.73 9.67
CA HIS C 119 -4.40 12.26 8.36
C HIS C 119 -5.47 12.45 7.30
N TRP C 120 -6.73 12.13 7.62
CA TRP C 120 -7.78 12.17 6.62
C TRP C 120 -8.55 13.48 6.61
N GLN C 121 -8.99 13.95 7.77
CA GLN C 121 -9.80 15.17 7.82
C GLN C 121 -8.98 16.44 7.61
N VAL C 122 -7.68 16.40 7.90
CA VAL C 122 -6.86 17.61 7.85
C VAL C 122 -5.88 17.52 6.69
N LYS C 123 -4.88 16.66 6.81
CA LYS C 123 -3.78 16.63 5.86
C LYS C 123 -4.23 16.20 4.47
N ASN C 124 -5.09 15.17 4.38
CA ASN C 124 -5.49 14.67 3.07
C ASN C 124 -6.46 15.62 2.40
N VAL C 125 -7.34 16.25 3.17
CA VAL C 125 -8.32 17.17 2.61
C VAL C 125 -7.64 18.28 1.81
N MET C 126 -6.53 18.80 2.33
CA MET C 126 -5.91 19.97 1.72
C MET C 126 -4.60 19.65 1.01
N LYS C 127 -4.33 18.37 0.74
CA LYS C 127 -3.02 17.97 0.22
C LYS C 127 -2.77 18.57 -1.15
N ASN C 128 -3.80 18.65 -2.00
CA ASN C 128 -3.64 19.27 -3.31
C ASN C 128 -3.33 20.77 -3.17
N ILE C 129 -4.08 21.45 -2.29
CA ILE C 129 -3.79 22.86 -2.01
C ILE C 129 -2.38 23.02 -1.44
N MET C 130 -1.96 22.09 -0.59
CA MET C 130 -0.65 22.23 0.05
C MET C 130 0.48 21.99 -0.93
N ALA C 131 0.29 21.08 -1.89
CA ALA C 131 1.28 20.92 -2.95
C ALA C 131 1.28 22.11 -3.89
N GLY C 132 0.12 22.74 -4.10
CA GLY C 132 0.06 23.96 -4.87
C GLY C 132 0.82 25.11 -4.23
N LEU C 133 0.48 25.44 -2.99
CA LEU C 133 1.16 26.52 -2.28
C LEU C 133 2.62 26.21 -1.98
N GLN C 134 3.07 24.98 -2.26
CA GLN C 134 4.43 24.55 -1.97
C GLN C 134 4.77 24.82 -0.50
N GLN C 135 3.83 24.48 0.37
CA GLN C 135 4.01 24.56 1.82
C GLN C 135 3.74 23.20 2.44
N THR C 136 4.21 23.01 3.67
CA THR C 136 4.06 21.73 4.34
C THR C 136 3.35 21.82 5.67
N ASN C 137 3.39 22.96 6.37
CA ASN C 137 2.69 23.12 7.64
C ASN C 137 1.22 23.37 7.34
N SER C 138 0.39 22.34 7.56
CA SER C 138 -1.03 22.45 7.23
C SER C 138 -1.75 23.43 8.16
N GLU C 139 -1.35 23.49 9.42
CA GLU C 139 -2.02 24.38 10.36
C GLU C 139 -1.77 25.84 9.99
N LYS C 140 -0.54 26.16 9.58
CA LYS C 140 -0.22 27.52 9.16
C LYS C 140 -1.02 27.91 7.93
N ILE C 141 -1.11 27.02 6.94
CA ILE C 141 -1.85 27.33 5.72
C ILE C 141 -3.33 27.49 6.01
N LEU C 142 -3.87 26.68 6.93
CA LEU C 142 -5.28 26.82 7.30
C LEU C 142 -5.52 28.15 8.01
N LEU C 143 -4.58 28.57 8.86
CA LEU C 143 -4.72 29.88 9.51
C LEU C 143 -4.68 31.02 8.50
N SER C 144 -3.73 30.97 7.55
CA SER C 144 -3.68 32.00 6.52
C SER C 144 -4.95 32.00 5.68
N TRP C 145 -5.50 30.82 5.38
CA TRP C 145 -6.75 30.74 4.64
C TRP C 145 -7.88 31.43 5.40
N VAL C 146 -7.99 31.16 6.71
CA VAL C 146 -9.03 31.81 7.52
C VAL C 146 -8.82 33.32 7.57
N ARG C 147 -7.57 33.76 7.69
CA ARG C 147 -7.27 35.18 7.82
C ARG C 147 -7.61 35.93 6.54
N GLN C 148 -7.06 35.48 5.42
CA GLN C 148 -7.35 36.14 4.15
C GLN C 148 -8.82 36.02 3.78
N SER C 149 -9.48 34.91 4.15
CA SER C 149 -10.90 34.76 3.86
C SER C 149 -11.73 35.81 4.60
N THR C 150 -11.35 36.12 5.84
CA THR C 150 -12.14 37.00 6.69
C THR C 150 -11.53 38.39 6.83
N ARG C 151 -10.63 38.77 5.92
CA ARG C 151 -9.90 40.03 6.05
C ARG C 151 -10.81 41.26 6.11
N ASN C 152 -11.97 41.22 5.45
CA ASN C 152 -12.84 42.39 5.38
C ASN C 152 -14.01 42.31 6.35
N TYR C 153 -13.98 41.38 7.29
CA TYR C 153 -14.99 41.35 8.35
C TYR C 153 -14.36 41.96 9.58
N PRO C 154 -14.76 43.17 9.98
CA PRO C 154 -13.94 43.95 10.91
C PRO C 154 -13.96 43.45 12.34
N GLN C 155 -15.01 42.73 12.76
CA GLN C 155 -15.06 42.20 14.12
C GLN C 155 -14.27 40.90 14.29
N VAL C 156 -13.59 40.42 13.25
CA VAL C 156 -12.96 39.11 13.24
C VAL C 156 -11.47 39.27 12.99
N ASN C 157 -10.67 38.68 13.87
CA ASN C 157 -9.21 38.65 13.68
C ASN C 157 -8.71 37.35 14.28
N VAL C 158 -8.54 36.34 13.44
CA VAL C 158 -8.19 34.99 13.89
C VAL C 158 -6.68 34.89 14.00
N ILE C 159 -6.20 34.52 15.18
CA ILE C 159 -4.77 34.32 15.43
C ILE C 159 -4.45 32.93 15.96
N ASN C 160 -5.46 32.09 16.19
CA ASN C 160 -5.25 30.75 16.72
C ASN C 160 -6.47 29.92 16.37
N PHE C 161 -6.38 28.63 16.70
CA PHE C 161 -7.50 27.71 16.59
C PHE C 161 -8.06 27.39 17.97
N THR C 162 -8.04 28.39 18.85
CA THR C 162 -8.64 28.27 20.18
C THR C 162 -9.49 29.49 20.50
N THR C 163 -8.90 30.47 21.19
CA THR C 163 -9.64 31.60 21.73
C THR C 163 -10.18 32.54 20.66
N SER C 164 -9.57 32.57 19.47
CA SER C 164 -10.05 33.44 18.39
C SER C 164 -11.44 33.06 17.90
N TRP C 165 -11.94 31.89 18.29
CA TRP C 165 -13.22 31.39 17.82
C TRP C 165 -14.32 31.45 18.87
N SER C 166 -14.01 31.92 20.09
CA SER C 166 -14.93 31.73 21.20
C SER C 166 -16.20 32.58 21.06
N ASP C 167 -16.09 33.79 20.50
CA ASP C 167 -17.28 34.63 20.45
C ASP C 167 -18.18 34.33 19.25
N GLY C 168 -17.83 33.35 18.41
CA GLY C 168 -18.70 32.93 17.32
C GLY C 168 -18.64 33.77 16.07
N LEU C 169 -17.92 34.90 16.08
CA LEU C 169 -17.88 35.76 14.91
C LEU C 169 -17.02 35.14 13.80
N ALA C 170 -15.90 34.52 14.14
CA ALA C 170 -15.00 33.98 13.13
C ALA C 170 -15.65 32.88 12.32
N LEU C 171 -16.47 32.04 12.97
CA LEU C 171 -17.11 30.92 12.27
C LEU C 171 -18.12 31.41 11.23
N ASN C 172 -19.02 32.31 11.66
CA ASN C 172 -19.97 32.91 10.75
C ASN C 172 -19.28 33.73 9.67
N ALA C 173 -18.16 34.37 10.00
CA ALA C 173 -17.43 35.14 8.98
C ALA C 173 -16.80 34.24 7.93
N LEU C 174 -16.26 33.08 8.34
CA LEU C 174 -15.70 32.15 7.36
C LEU C 174 -16.79 31.60 6.44
N ILE C 175 -17.91 31.19 7.03
CA ILE C 175 -19.00 30.65 6.22
C ILE C 175 -19.53 31.71 5.25
N HIS C 176 -19.79 32.93 5.77
CA HIS C 176 -20.35 33.99 4.95
C HIS C 176 -19.35 34.44 3.88
N SER C 177 -18.06 34.50 4.23
CA SER C 177 -17.06 34.93 3.27
C SER C 177 -16.94 33.95 2.12
N HIS C 178 -17.26 32.68 2.35
CA HIS C 178 -17.22 31.71 1.27
C HIS C 178 -18.58 31.49 0.62
N ARG C 179 -19.66 31.93 1.26
CA ARG C 179 -21.02 31.79 0.75
C ARG C 179 -21.81 33.02 1.14
N PRO C 180 -21.56 34.16 0.49
CA PRO C 180 -22.22 35.42 0.89
C PRO C 180 -23.73 35.44 0.74
N ASP C 181 -24.32 34.41 0.14
CA ASP C 181 -25.75 34.38 -0.09
C ASP C 181 -26.56 33.85 1.08
N LEU C 182 -25.94 33.14 2.02
CA LEU C 182 -26.71 32.35 2.99
C LEU C 182 -27.42 33.21 4.02
N PHE C 183 -26.87 34.37 4.38
CA PHE C 183 -27.47 35.20 5.41
C PHE C 183 -26.85 36.59 5.37
N ASP C 184 -27.46 37.51 6.12
CA ASP C 184 -26.97 38.87 6.27
C ASP C 184 -26.03 38.93 7.47
N TRP C 185 -24.80 39.39 7.22
CA TRP C 185 -23.76 39.39 8.25
C TRP C 185 -24.17 40.25 9.45
N ASN C 186 -24.82 41.39 9.20
CA ASN C 186 -25.21 42.29 10.28
C ASN C 186 -26.19 41.63 11.24
N SER C 187 -26.99 40.67 10.76
CA SER C 187 -27.92 39.99 11.64
C SER C 187 -27.19 39.11 12.64
N VAL C 188 -26.04 38.55 12.26
CA VAL C 188 -25.20 37.82 13.20
C VAL C 188 -24.49 38.79 14.13
N VAL C 189 -23.95 39.88 13.58
CA VAL C 189 -23.26 40.85 14.43
C VAL C 189 -24.19 41.40 15.50
N SER C 190 -25.49 41.49 15.20
CA SER C 190 -26.48 41.96 16.16
C SER C 190 -26.82 40.92 17.22
N GLN C 191 -26.44 39.66 17.01
CA GLN C 191 -26.57 38.65 18.05
C GLN C 191 -25.54 38.90 19.13
N GLN C 192 -26.00 39.16 20.35
CA GLN C 192 -25.07 39.40 21.45
C GLN C 192 -24.53 38.13 22.06
N SER C 193 -25.24 37.01 21.92
CA SER C 193 -24.86 35.75 22.54
C SER C 193 -23.93 34.97 21.62
N ALA C 194 -22.72 34.66 22.11
CA ALA C 194 -21.82 33.80 21.34
C ALA C 194 -22.40 32.41 21.15
N THR C 195 -23.25 31.97 22.08
CA THR C 195 -23.93 30.68 21.91
C THR C 195 -24.88 30.73 20.72
N GLN C 196 -25.66 31.81 20.59
CA GLN C 196 -26.57 31.91 19.45
C GLN C 196 -25.79 31.98 18.15
N ARG C 197 -24.68 32.72 18.13
CA ARG C 197 -23.85 32.81 16.93
C ARG C 197 -23.28 31.46 16.55
N LEU C 198 -22.78 30.73 17.56
CA LEU C 198 -22.18 29.42 17.31
C LEU C 198 -23.22 28.44 16.79
N GLU C 199 -24.42 28.42 17.40
CA GLU C 199 -25.46 27.51 16.93
C GLU C 199 -25.95 27.90 15.54
N HIS C 200 -26.00 29.20 15.25
CA HIS C 200 -26.37 29.68 13.93
C HIS C 200 -25.43 29.12 12.87
N ALA C 201 -24.12 29.28 13.09
CA ALA C 201 -23.13 28.72 12.17
C ALA C 201 -23.19 27.20 12.13
N PHE C 202 -23.35 26.54 13.29
CA PHE C 202 -23.39 25.08 13.33
C PHE C 202 -24.56 24.55 12.51
N ASN C 203 -25.73 25.18 12.60
CA ASN C 203 -26.89 24.74 11.86
C ASN C 203 -26.73 24.99 10.36
N ILE C 204 -26.15 26.14 9.98
CA ILE C 204 -25.86 26.36 8.57
C ILE C 204 -24.95 25.26 8.04
N ALA C 205 -23.86 24.98 8.76
CA ALA C 205 -22.91 23.98 8.31
C ALA C 205 -23.53 22.59 8.26
N ARG C 206 -24.46 22.28 9.18
CA ARG C 206 -25.05 20.95 9.19
C ARG C 206 -26.10 20.78 8.11
N TYR C 207 -27.04 21.71 8.00
CA TYR C 207 -28.19 21.51 7.12
C TYR C 207 -28.00 22.10 5.73
N GLN C 208 -27.07 23.05 5.56
CA GLN C 208 -26.83 23.60 4.24
C GLN C 208 -25.47 23.24 3.66
N LEU C 209 -24.52 22.79 4.48
CA LEU C 209 -23.21 22.36 4.00
C LEU C 209 -22.92 20.90 4.23
N GLY C 210 -23.78 20.16 4.93
CA GLY C 210 -23.60 18.74 5.10
C GLY C 210 -22.53 18.32 6.08
N ILE C 211 -22.24 19.16 7.08
CA ILE C 211 -21.21 18.88 8.08
C ILE C 211 -21.89 18.52 9.40
N GLU C 212 -21.56 17.37 9.95
CA GLU C 212 -22.16 16.98 11.22
C GLU C 212 -21.70 17.93 12.33
N LYS C 213 -22.58 18.16 13.30
CA LYS C 213 -22.31 19.09 14.40
C LYS C 213 -21.32 18.44 15.37
N LEU C 214 -20.04 18.48 14.98
CA LEU C 214 -19.00 17.88 15.80
C LEU C 214 -18.77 18.64 17.09
N LEU C 215 -19.11 19.93 17.12
CA LEU C 215 -18.81 20.80 18.26
C LEU C 215 -20.10 21.31 18.87
N ASP C 216 -20.10 21.41 20.19
CA ASP C 216 -21.14 22.10 20.93
C ASP C 216 -20.70 23.54 21.18
N PRO C 217 -21.64 24.46 21.41
CA PRO C 217 -21.23 25.83 21.75
C PRO C 217 -20.29 25.89 22.93
N GLU C 218 -20.55 25.07 23.96
CA GLU C 218 -19.70 25.04 25.15
C GLU C 218 -18.30 24.49 24.89
N ASP C 219 -18.06 23.84 23.75
CA ASP C 219 -16.70 23.43 23.38
C ASP C 219 -15.90 24.58 22.76
N VAL C 220 -16.56 25.65 22.33
CA VAL C 220 -15.89 26.77 21.68
C VAL C 220 -15.97 28.03 22.52
N ASP C 221 -17.17 28.41 22.95
CA ASP C 221 -17.38 29.52 23.87
C ASP C 221 -17.04 29.03 25.28
N THR C 222 -15.74 28.96 25.55
CA THR C 222 -15.23 28.45 26.81
C THR C 222 -13.86 29.07 27.07
N THR C 223 -13.41 28.95 28.32
CA THR C 223 -12.15 29.59 28.72
C THR C 223 -10.97 28.99 27.96
N TYR C 224 -10.91 27.67 27.84
CA TYR C 224 -9.79 26.98 27.19
C TYR C 224 -10.34 26.07 26.10
N PRO C 225 -10.50 26.58 24.87
CA PRO C 225 -11.07 25.74 23.80
C PRO C 225 -10.09 24.67 23.35
N ASP C 226 -10.62 23.48 23.10
CA ASP C 226 -9.78 22.39 22.62
C ASP C 226 -9.37 22.68 21.18
N LYS C 227 -8.06 22.73 20.95
CA LYS C 227 -7.55 23.11 19.64
C LYS C 227 -7.79 22.03 18.60
N LYS C 228 -7.65 20.75 18.99
CA LYS C 228 -7.82 19.67 18.03
C LYS C 228 -9.25 19.59 17.51
N SER C 229 -10.24 19.77 18.40
CA SER C 229 -11.63 19.74 17.98
C SER C 229 -11.95 20.86 17.00
N ILE C 230 -11.44 22.06 17.30
CA ILE C 230 -11.67 23.21 16.42
C ILE C 230 -10.96 23.00 15.08
N LEU C 231 -9.73 22.50 15.10
CA LEU C 231 -9.01 22.19 13.88
C LEU C 231 -9.79 21.20 13.02
N MET C 232 -10.29 20.13 13.65
CA MET C 232 -11.19 19.18 13.01
C MET C 232 -12.34 19.86 12.28
N TYR C 233 -13.09 20.68 13.04
CA TYR C 233 -14.29 21.28 12.48
C TYR C 233 -13.95 22.24 11.35
N ILE C 234 -12.89 23.03 11.53
CA ILE C 234 -12.53 24.03 10.53
C ILE C 234 -12.04 23.36 9.25
N THR C 235 -11.32 22.23 9.36
CA THR C 235 -10.91 21.53 8.15
C THR C 235 -12.08 20.80 7.49
N SER C 236 -13.11 20.41 8.25
CA SER C 236 -14.31 19.92 7.60
C SER C 236 -14.97 21.03 6.77
N LEU C 237 -14.95 22.25 7.32
CA LEU C 237 -15.46 23.41 6.59
C LEU C 237 -14.62 23.69 5.35
N PHE C 238 -13.29 23.66 5.50
CA PHE C 238 -12.40 23.80 4.35
C PHE C 238 -12.70 22.74 3.30
N GLN C 239 -13.06 21.54 3.75
CA GLN C 239 -13.32 20.44 2.81
C GLN C 239 -14.58 20.71 2.00
N VAL C 240 -15.60 21.30 2.62
CA VAL C 240 -16.86 21.50 1.91
C VAL C 240 -17.08 22.92 1.36
N LEU C 241 -16.34 23.94 1.86
CA LEU C 241 -16.66 25.28 1.38
C LEU C 241 -16.06 25.52 0.00
N PRO C 242 -16.79 26.19 -0.89
CA PRO C 242 -16.26 26.43 -2.25
C PRO C 242 -15.12 27.43 -2.24
N GLN C 243 -14.05 27.10 -2.94
CA GLN C 243 -12.88 27.96 -3.02
C GLN C 243 -12.44 28.14 -4.46
N GLU D 16 19.98 -9.07 13.64
CA GLU D 16 20.15 -8.82 15.07
C GLU D 16 21.63 -8.91 15.46
N ASP D 17 22.41 -9.70 14.70
CA ASP D 17 23.85 -9.76 14.95
C ASP D 17 24.53 -8.46 14.54
N VAL D 18 24.16 -7.93 13.36
CA VAL D 18 24.64 -6.63 12.92
C VAL D 18 24.23 -5.56 13.93
N GLN D 19 22.99 -5.63 14.42
CA GLN D 19 22.53 -4.68 15.41
C GLN D 19 23.33 -4.78 16.71
N LYS D 20 23.64 -5.99 17.17
CA LYS D 20 24.49 -6.11 18.36
C LYS D 20 25.78 -5.34 18.14
N LYS D 21 26.42 -5.53 16.98
CA LYS D 21 27.68 -4.84 16.70
C LYS D 21 27.50 -3.32 16.67
N THR D 22 26.53 -2.83 15.91
CA THR D 22 26.43 -1.38 15.70
C THR D 22 25.88 -0.68 16.94
N PHE D 23 24.92 -1.30 17.64
CA PHE D 23 24.42 -0.74 18.89
C PHE D 23 25.54 -0.67 19.92
N THR D 24 26.43 -1.68 19.94
CA THR D 24 27.55 -1.62 20.85
C THR D 24 28.49 -0.47 20.49
N LYS D 25 28.71 -0.27 19.18
CA LYS D 25 29.53 0.87 18.76
C LYS D 25 28.91 2.20 19.18
N TRP D 26 27.58 2.31 19.12
CA TRP D 26 26.93 3.54 19.55
C TRP D 26 27.06 3.75 21.06
N VAL D 27 26.79 2.71 21.83
CA VAL D 27 26.94 2.77 23.29
C VAL D 27 28.35 3.22 23.64
N ASN D 28 29.34 2.64 22.96
CA ASN D 28 30.74 2.98 23.24
C ASN D 28 31.10 4.38 22.77
N ALA D 29 30.44 4.88 21.72
CA ALA D 29 30.64 6.27 21.34
C ALA D 29 30.11 7.22 22.41
N GLN D 30 28.95 6.90 22.97
CA GLN D 30 28.43 7.68 24.09
C GLN D 30 29.42 7.66 25.25
N PHE D 31 29.95 6.48 25.58
CA PHE D 31 30.89 6.39 26.68
C PHE D 31 32.19 7.14 26.39
N SER D 32 32.65 7.12 25.13
CA SER D 32 33.83 7.88 24.73
C SER D 32 33.63 9.37 24.88
N LYS D 33 32.41 9.86 24.64
CA LYS D 33 32.11 11.27 24.86
C LYS D 33 32.52 11.73 26.25
N PHE D 34 32.48 10.84 27.24
CA PHE D 34 32.87 11.15 28.61
C PHE D 34 34.08 10.33 29.07
N GLY D 35 34.86 9.79 28.14
CA GLY D 35 36.06 9.05 28.48
C GLY D 35 35.81 7.82 29.33
N LYS D 36 34.58 7.36 29.41
CA LYS D 36 34.24 6.22 30.27
C LYS D 36 34.57 4.92 29.56
N GLN D 37 34.67 3.85 30.37
CA GLN D 37 35.15 2.58 29.85
C GLN D 37 34.15 1.97 28.88
N HIS D 38 34.67 1.37 27.81
CA HIS D 38 33.83 0.69 26.84
C HIS D 38 33.41 -0.68 27.36
N ILE D 39 32.27 -1.13 26.88
CA ILE D 39 31.81 -2.49 27.12
C ILE D 39 32.29 -3.35 25.96
N GLU D 40 32.44 -4.65 26.22
CA GLU D 40 32.96 -5.57 25.22
C GLU D 40 31.91 -6.50 24.66
N ASN D 41 30.90 -6.86 25.46
CA ASN D 41 29.83 -7.75 25.03
C ASN D 41 28.52 -7.15 25.51
N LEU D 42 27.65 -6.78 24.57
CA LEU D 42 26.40 -6.13 24.93
C LEU D 42 25.47 -7.05 25.70
N PHE D 43 25.58 -8.35 25.52
CA PHE D 43 24.63 -9.30 26.09
C PHE D 43 25.06 -9.80 27.46
N SER D 44 26.17 -9.31 27.99
CA SER D 44 26.61 -9.60 29.35
C SER D 44 26.90 -8.35 30.16
N ASP D 45 27.50 -7.32 29.55
CA ASP D 45 28.03 -6.18 30.29
C ASP D 45 26.96 -5.20 30.76
N LEU D 46 25.69 -5.46 30.49
CA LEU D 46 24.59 -4.64 30.98
C LEU D 46 23.78 -5.33 32.07
N GLN D 47 24.15 -6.55 32.45
CA GLN D 47 23.26 -7.34 33.30
C GLN D 47 23.13 -6.76 34.70
N ASP D 48 24.23 -6.29 35.29
CA ASP D 48 24.13 -5.75 36.65
C ASP D 48 23.57 -4.33 36.69
N GLY D 49 23.28 -3.71 35.54
CA GLY D 49 22.64 -2.42 35.51
C GLY D 49 23.54 -1.20 35.68
N ARG D 50 24.85 -1.39 35.83
CA ARG D 50 25.73 -0.25 36.08
C ARG D 50 25.98 0.56 34.83
N ARG D 51 26.39 -0.08 33.73
CA ARG D 51 26.69 0.65 32.51
C ARG D 51 25.44 1.25 31.88
N LEU D 52 24.28 0.63 32.07
CA LEU D 52 23.03 1.25 31.63
C LEU D 52 22.79 2.57 32.36
N LEU D 53 23.02 2.60 33.67
CA LEU D 53 22.89 3.84 34.42
C LEU D 53 23.93 4.86 33.98
N ASP D 54 25.16 4.41 33.68
CA ASP D 54 26.18 5.30 33.13
C ASP D 54 25.69 5.97 31.84
N LEU D 55 25.16 5.15 30.93
CA LEU D 55 24.65 5.65 29.65
C LEU D 55 23.53 6.66 29.86
N LEU D 56 22.59 6.35 30.75
CA LEU D 56 21.50 7.29 30.98
C LEU D 56 21.99 8.56 31.69
N GLU D 57 23.06 8.45 32.48
CA GLU D 57 23.70 9.64 33.04
C GLU D 57 24.20 10.54 31.92
N GLY D 58 24.94 9.96 30.98
CA GLY D 58 25.43 10.74 29.85
C GLY D 58 24.32 11.37 29.03
N LEU D 59 23.23 10.62 28.80
CA LEU D 59 22.17 11.10 27.91
C LEU D 59 21.26 12.13 28.58
N THR D 60 20.92 11.96 29.86
CA THR D 60 20.04 12.89 30.53
C THR D 60 20.78 14.03 31.20
N GLY D 61 22.10 13.90 31.40
CA GLY D 61 22.88 14.84 32.18
C GLY D 61 22.65 14.79 33.67
N GLN D 62 21.87 13.83 34.16
CA GLN D 62 21.53 13.69 35.58
C GLN D 62 22.39 12.62 36.25
N LYS D 63 22.69 12.86 37.53
CA LYS D 63 23.38 11.86 38.34
C LYS D 63 22.43 10.74 38.74
N LEU D 64 22.82 9.49 38.46
CA LEU D 64 22.02 8.31 38.79
C LEU D 64 22.90 7.36 39.60
N PRO D 65 22.88 7.49 40.92
CA PRO D 65 23.81 6.69 41.74
C PRO D 65 23.48 5.21 41.66
N LYS D 66 24.53 4.39 41.72
CA LYS D 66 24.43 2.95 41.61
C LYS D 66 24.33 2.29 42.99
N GLU D 67 23.76 1.10 43.01
CA GLU D 67 23.76 0.29 44.23
C GLU D 67 25.16 -0.25 44.52
N LYS D 68 25.43 -0.47 45.81
CA LYS D 68 26.75 -0.94 46.23
C LYS D 68 26.91 -2.45 46.10
N GLY D 69 25.91 -3.21 46.56
CA GLY D 69 25.99 -4.65 46.54
C GLY D 69 26.10 -5.23 45.14
N SER D 70 26.63 -6.46 45.09
CA SER D 70 26.87 -7.16 43.84
C SER D 70 25.91 -8.34 43.64
N THR D 71 24.77 -8.33 44.34
CA THR D 71 23.82 -9.41 44.25
C THR D 71 22.74 -9.10 43.21
N ARG D 72 21.83 -10.06 43.00
CA ARG D 72 20.79 -9.89 41.98
C ARG D 72 19.79 -8.81 42.38
N VAL D 73 19.54 -8.63 43.67
CA VAL D 73 18.62 -7.57 44.08
C VAL D 73 19.21 -6.21 43.75
N HIS D 74 20.54 -6.08 43.84
CA HIS D 74 21.19 -4.80 43.56
C HIS D 74 21.19 -4.50 42.07
N ALA D 75 21.47 -5.50 41.25
CA ALA D 75 21.35 -5.35 39.80
C ALA D 75 19.93 -5.01 39.39
N LEU D 76 18.95 -5.67 40.00
CA LEU D 76 17.56 -5.39 39.68
C LEU D 76 17.18 -3.98 40.10
N ASN D 77 17.74 -3.48 41.20
CA ASN D 77 17.48 -2.10 41.61
C ASN D 77 18.09 -1.10 40.63
N ASN D 78 19.33 -1.34 40.20
CA ASN D 78 19.94 -0.48 39.18
C ASN D 78 19.07 -0.43 37.93
N VAL D 79 18.64 -1.59 37.45
CA VAL D 79 17.84 -1.63 36.23
C VAL D 79 16.46 -1.02 36.47
N ASN D 80 15.92 -1.16 37.69
CA ASN D 80 14.64 -0.54 38.04
C ASN D 80 14.73 0.97 37.95
N LYS D 81 15.81 1.54 38.49
CA LYS D 81 16.01 2.99 38.39
C LYS D 81 16.16 3.42 36.94
N ALA D 82 16.95 2.68 36.15
CA ALA D 82 17.12 3.04 34.74
C ALA D 82 15.77 3.02 34.01
N LEU D 83 14.95 2.00 34.26
CA LEU D 83 13.64 1.92 33.62
C LEU D 83 12.73 3.05 34.09
N ARG D 84 12.79 3.44 35.37
CA ARG D 84 11.98 4.57 35.80
C ARG D 84 12.40 5.85 35.10
N VAL D 85 13.71 6.03 34.91
CA VAL D 85 14.20 7.22 34.19
C VAL D 85 13.70 7.21 32.75
N LEU D 86 13.79 6.07 32.09
CA LEU D 86 13.31 5.96 30.72
C LEU D 86 11.82 6.30 30.62
N GLN D 87 11.01 5.72 31.52
CA GLN D 87 9.58 6.03 31.52
C GLN D 87 9.31 7.50 31.80
N ASN D 88 10.11 8.11 32.69
CA ASN D 88 9.96 9.53 32.96
C ASN D 88 10.31 10.37 31.74
N ASN D 89 11.17 9.86 30.86
CA ASN D 89 11.51 10.54 29.62
C ASN D 89 10.57 10.18 28.48
N ASN D 90 9.44 9.53 28.78
CA ASN D 90 8.45 9.13 27.77
C ASN D 90 9.06 8.28 26.66
N VAL D 91 10.09 7.50 26.99
CA VAL D 91 10.73 6.62 26.02
C VAL D 91 9.79 5.46 25.69
N ASP D 92 9.61 5.18 24.40
CA ASP D 92 8.85 3.99 24.01
C ASP D 92 9.67 2.75 24.31
N LEU D 93 9.23 1.97 25.29
CA LEU D 93 9.93 0.76 25.69
C LEU D 93 9.20 -0.47 25.17
N VAL D 94 9.98 -1.48 24.83
CA VAL D 94 9.42 -2.79 24.50
C VAL D 94 8.80 -3.39 25.76
N ASN D 95 8.02 -4.46 25.59
CA ASN D 95 7.53 -5.26 26.70
C ASN D 95 8.69 -5.86 27.49
N ILE D 96 9.34 -5.06 28.33
CA ILE D 96 10.53 -5.51 29.06
C ILE D 96 10.34 -5.22 30.55
N GLY D 97 10.97 -6.07 31.37
CA GLY D 97 11.08 -5.83 32.79
C GLY D 97 12.53 -5.90 33.22
N SER D 98 12.78 -5.50 34.46
CA SER D 98 14.16 -5.44 34.94
C SER D 98 14.83 -6.81 34.92
N THR D 99 14.06 -7.86 35.22
CA THR D 99 14.61 -9.21 35.21
C THR D 99 15.12 -9.60 33.83
N ASP D 100 14.47 -9.09 32.77
CA ASP D 100 14.90 -9.40 31.41
C ASP D 100 16.29 -8.84 31.13
N ILE D 101 16.63 -7.68 31.69
CA ILE D 101 17.98 -7.14 31.50
C ILE D 101 18.97 -7.83 32.43
N VAL D 102 18.59 -8.01 33.70
CA VAL D 102 19.49 -8.64 34.67
C VAL D 102 19.83 -10.07 34.26
N ASP D 103 18.86 -10.78 33.68
CA ASP D 103 19.05 -12.18 33.33
C ASP D 103 19.55 -12.37 31.90
N GLY D 104 19.88 -11.28 31.20
CA GLY D 104 20.62 -11.39 29.96
C GLY D 104 19.83 -11.77 28.72
N ASN D 105 18.53 -11.50 28.69
CA ASN D 105 17.74 -11.75 27.49
C ASN D 105 18.30 -10.92 26.32
N HIS D 106 18.79 -11.61 25.29
CA HIS D 106 19.46 -10.93 24.18
C HIS D 106 18.49 -10.04 23.42
N LYS D 107 17.33 -10.57 23.04
CA LYS D 107 16.39 -9.82 22.22
C LYS D 107 15.92 -8.55 22.92
N LEU D 108 15.57 -8.67 24.20
CA LEU D 108 15.07 -7.50 24.93
C LEU D 108 16.17 -6.55 25.35
N THR D 109 17.40 -7.02 25.51
CA THR D 109 18.51 -6.11 25.70
C THR D 109 18.77 -5.28 24.45
N LEU D 110 18.87 -5.95 23.29
CA LEU D 110 18.93 -5.26 22.00
C LEU D 110 17.78 -4.26 21.86
N GLY D 111 16.56 -4.69 22.22
CA GLY D 111 15.41 -3.83 22.03
C GLY D 111 15.41 -2.62 22.93
N LEU D 112 15.86 -2.78 24.18
CA LEU D 112 15.97 -1.64 25.07
C LEU D 112 17.02 -0.66 24.55
N ILE D 113 18.16 -1.16 24.10
CA ILE D 113 19.19 -0.29 23.55
C ILE D 113 18.66 0.44 22.32
N TRP D 114 17.84 -0.23 21.51
CA TRP D 114 17.27 0.44 20.35
C TRP D 114 16.24 1.49 20.76
N ASN D 115 15.44 1.21 21.78
CA ASN D 115 14.51 2.22 22.29
C ASN D 115 15.28 3.48 22.70
N ILE D 116 16.42 3.29 23.38
CA ILE D 116 17.24 4.42 23.80
C ILE D 116 17.79 5.15 22.59
N ILE D 117 18.32 4.41 21.62
CA ILE D 117 18.89 5.01 20.41
C ILE D 117 17.82 5.80 19.65
N LEU D 118 16.64 5.22 19.48
CA LEU D 118 15.56 5.89 18.76
C LEU D 118 15.10 7.13 19.51
N HIS D 119 15.08 7.07 20.85
CA HIS D 119 14.59 8.23 21.60
C HIS D 119 15.60 9.36 21.56
N TRP D 120 16.89 9.06 21.69
CA TRP D 120 17.93 10.09 21.80
C TRP D 120 18.62 10.39 20.47
N GLN D 121 19.03 9.37 19.72
CA GLN D 121 19.75 9.59 18.48
C GLN D 121 18.85 10.03 17.33
N VAL D 122 17.56 9.72 17.38
CA VAL D 122 16.65 10.00 16.28
C VAL D 122 15.63 11.06 16.70
N LYS D 123 14.72 10.70 17.61
CA LYS D 123 13.61 11.56 17.98
C LYS D 123 14.07 12.83 18.69
N ASN D 124 15.04 12.72 19.60
CA ASN D 124 15.44 13.91 20.36
C ASN D 124 16.25 14.86 19.48
N VAL D 125 17.11 14.31 18.61
CA VAL D 125 17.87 15.14 17.68
C VAL D 125 16.94 16.02 16.85
N MET D 126 15.76 15.50 16.50
CA MET D 126 14.88 16.14 15.54
C MET D 126 13.69 16.83 16.20
N LYS D 127 13.66 16.90 17.53
CA LYS D 127 12.43 17.31 18.22
C LYS D 127 12.08 18.76 17.94
N ASN D 128 13.07 19.65 17.95
CA ASN D 128 12.79 21.07 17.68
C ASN D 128 12.38 21.29 16.23
N ILE D 129 13.08 20.65 15.30
CA ILE D 129 12.72 20.76 13.88
C ILE D 129 11.32 20.24 13.64
N MET D 130 10.95 19.12 14.27
CA MET D 130 9.61 18.57 14.04
C MET D 130 8.54 19.39 14.74
N ALA D 131 8.86 20.00 15.88
CA ALA D 131 7.89 20.89 16.51
C ALA D 131 7.67 22.13 15.65
N GLY D 132 8.72 22.60 14.97
CA GLY D 132 8.57 23.66 13.99
C GLY D 132 7.70 23.25 12.83
N LEU D 133 8.09 22.16 12.15
CA LEU D 133 7.34 21.63 11.02
C LEU D 133 5.99 21.07 11.41
N GLN D 134 5.69 20.95 12.71
CA GLN D 134 4.45 20.34 13.20
C GLN D 134 4.28 18.92 12.64
N GLN D 135 5.36 18.15 12.72
CA GLN D 135 5.37 16.74 12.32
C GLN D 135 5.78 15.88 13.51
N THR D 136 5.44 14.59 13.43
CA THR D 136 5.75 13.65 14.50
C THR D 136 6.53 12.45 13.98
N ASN D 137 6.35 12.12 12.69
CA ASN D 137 7.02 10.97 12.07
C ASN D 137 8.45 11.34 11.73
N SER D 138 9.40 10.87 12.54
CA SER D 138 10.80 11.22 12.35
C SER D 138 11.39 10.56 11.11
N GLU D 139 10.98 9.31 10.83
CA GLU D 139 11.53 8.57 9.70
C GLU D 139 11.12 9.20 8.37
N LYS D 140 9.85 9.61 8.25
CA LYS D 140 9.38 10.24 7.02
C LYS D 140 10.09 11.57 6.78
N ILE D 141 10.21 12.39 7.82
CA ILE D 141 10.85 13.70 7.68
C ILE D 141 12.34 13.52 7.35
N LEU D 142 12.98 12.52 7.96
CA LEU D 142 14.39 12.27 7.67
C LEU D 142 14.58 11.80 6.23
N LEU D 143 13.68 10.95 5.74
CA LEU D 143 13.76 10.50 4.35
C LEU D 143 13.55 11.66 3.39
N SER D 144 12.58 12.53 3.68
CA SER D 144 12.38 13.71 2.85
C SER D 144 13.60 14.63 2.87
N TRP D 145 14.23 14.78 4.05
CA TRP D 145 15.45 15.58 4.13
C TRP D 145 16.55 15.00 3.25
N VAL D 146 16.73 13.68 3.27
CA VAL D 146 17.76 13.07 2.43
C VAL D 146 17.44 13.28 0.96
N ARG D 147 16.17 13.11 0.57
CA ARG D 147 15.81 13.20 -0.83
C ARG D 147 15.95 14.63 -1.35
N GLN D 148 15.44 15.61 -0.59
CA GLN D 148 15.60 17.00 -0.97
C GLN D 148 17.08 17.40 -1.03
N SER D 149 17.86 16.94 -0.05
CA SER D 149 19.28 17.30 0.00
C SER D 149 20.04 16.75 -1.21
N THR D 150 19.68 15.56 -1.67
CA THR D 150 20.41 14.90 -2.75
C THR D 150 19.65 14.95 -4.07
N ARG D 151 18.64 15.82 -4.19
CA ARG D 151 17.79 15.85 -5.37
C ARG D 151 18.59 16.11 -6.65
N ASN D 152 19.69 16.84 -6.56
CA ASN D 152 20.46 17.22 -7.75
C ASN D 152 21.69 16.34 -7.94
N TYR D 153 21.79 15.24 -7.21
CA TYR D 153 22.86 14.28 -7.41
C TYR D 153 22.30 13.12 -8.21
N PRO D 154 22.67 12.98 -9.49
CA PRO D 154 21.89 12.11 -10.39
C PRO D 154 22.07 10.63 -10.12
N GLN D 155 23.20 10.21 -9.55
CA GLN D 155 23.43 8.80 -9.27
C GLN D 155 22.75 8.32 -8.00
N VAL D 156 21.99 9.19 -7.32
CA VAL D 156 21.46 8.92 -5.98
C VAL D 156 19.96 9.05 -6.02
N ASN D 157 19.24 8.01 -5.55
CA ASN D 157 17.80 8.11 -5.40
C ASN D 157 17.44 7.27 -4.16
N VAL D 158 17.31 7.95 -3.03
CA VAL D 158 17.08 7.29 -1.74
C VAL D 158 15.59 7.12 -1.53
N ILE D 159 15.14 5.88 -1.37
CA ILE D 159 13.74 5.57 -1.09
C ILE D 159 13.58 4.75 0.18
N ASN D 160 14.66 4.42 0.86
CA ASN D 160 14.60 3.61 2.07
C ASN D 160 15.86 3.87 2.87
N PHE D 161 15.91 3.28 4.06
CA PHE D 161 17.10 3.27 4.89
C PHE D 161 17.75 1.90 4.90
N THR D 162 17.70 1.20 3.75
CA THR D 162 18.39 -0.07 3.58
C THR D 162 19.18 -0.10 2.27
N THR D 163 18.59 -0.67 1.21
CA THR D 163 19.34 -0.93 -0.01
C THR D 163 19.73 0.35 -0.75
N SER D 164 19.05 1.47 -0.51
CA SER D 164 19.38 2.74 -1.15
C SER D 164 20.77 3.25 -0.76
N TRP D 165 21.39 2.68 0.27
CA TRP D 165 22.67 3.14 0.77
C TRP D 165 23.82 2.21 0.41
N SER D 166 23.55 1.09 -0.26
CA SER D 166 24.56 0.04 -0.41
C SER D 166 25.70 0.44 -1.35
N ASP D 167 25.42 1.21 -2.40
CA ASP D 167 26.52 1.51 -3.32
C ASP D 167 27.39 2.66 -2.87
N GLY D 168 27.09 3.29 -1.72
CA GLY D 168 27.94 4.31 -1.15
C GLY D 168 27.78 5.70 -1.73
N LEU D 169 27.02 5.86 -2.82
CA LEU D 169 26.88 7.18 -3.42
C LEU D 169 25.97 8.09 -2.61
N ALA D 170 24.87 7.55 -2.09
CA ALA D 170 23.90 8.37 -1.37
C ALA D 170 24.50 9.00 -0.13
N LEU D 171 25.36 8.26 0.59
CA LEU D 171 25.96 8.78 1.81
C LEU D 171 26.89 9.95 1.52
N ASN D 172 27.78 9.78 0.53
CA ASN D 172 28.64 10.87 0.10
C ASN D 172 27.84 12.05 -0.44
N ALA D 173 26.72 11.79 -1.12
CA ALA D 173 25.89 12.88 -1.63
C ALA D 173 25.21 13.64 -0.49
N LEU D 174 24.74 12.93 0.53
CA LEU D 174 24.14 13.60 1.68
C LEU D 174 25.17 14.47 2.39
N ILE D 175 26.39 13.96 2.54
CA ILE D 175 27.45 14.76 3.15
C ILE D 175 27.79 15.96 2.27
N HIS D 176 27.99 15.72 0.97
CA HIS D 176 28.44 16.76 0.06
C HIS D 176 27.42 17.88 -0.10
N SER D 177 26.13 17.54 -0.11
CA SER D 177 25.11 18.57 -0.25
C SER D 177 25.11 19.56 0.90
N HIS D 178 25.60 19.16 2.07
CA HIS D 178 25.70 20.05 3.21
C HIS D 178 27.08 20.64 3.38
N ARG D 179 28.09 20.06 2.74
CA ARG D 179 29.47 20.55 2.78
C ARG D 179 30.09 20.33 1.41
N PRO D 180 29.71 21.14 0.41
CA PRO D 180 30.31 20.98 -0.93
C PRO D 180 31.80 21.24 -0.96
N ASP D 181 32.36 21.75 0.13
CA ASP D 181 33.77 22.10 0.20
C ASP D 181 34.65 20.92 0.59
N LEU D 182 34.07 19.86 1.15
CA LEU D 182 34.88 18.83 1.79
C LEU D 182 35.61 17.97 0.76
N PHE D 183 35.04 17.80 -0.43
CA PHE D 183 35.66 16.98 -1.47
C PHE D 183 34.96 17.27 -2.79
N ASP D 184 35.55 16.76 -3.87
CA ASP D 184 34.99 16.88 -5.21
C ASP D 184 34.10 15.67 -5.51
N TRP D 185 32.85 15.95 -5.88
CA TRP D 185 31.86 14.89 -6.08
C TRP D 185 32.29 13.91 -7.17
N ASN D 186 32.92 14.41 -8.24
CA ASN D 186 33.31 13.54 -9.35
C ASN D 186 34.35 12.52 -8.92
N SER D 187 35.15 12.82 -7.89
CA SER D 187 36.13 11.85 -7.42
C SER D 187 35.45 10.67 -6.75
N VAL D 188 34.30 10.90 -6.12
CA VAL D 188 33.53 9.80 -5.53
C VAL D 188 32.82 9.01 -6.63
N VAL D 189 32.18 9.70 -7.58
CA VAL D 189 31.49 8.95 -8.62
C VAL D 189 32.45 8.08 -9.42
N SER D 190 33.71 8.51 -9.57
CA SER D 190 34.70 7.75 -10.31
C SER D 190 35.25 6.56 -9.53
N GLN D 191 35.00 6.50 -8.23
CA GLN D 191 35.35 5.31 -7.45
C GLN D 191 34.39 4.18 -7.85
N GLN D 192 34.95 3.09 -8.37
CA GLN D 192 34.09 1.97 -8.78
C GLN D 192 33.66 1.11 -7.62
N SER D 193 34.40 1.11 -6.53
CA SER D 193 34.13 0.26 -5.38
C SER D 193 33.17 0.96 -4.40
N ALA D 194 32.04 0.30 -4.13
CA ALA D 194 31.14 0.81 -3.09
C ALA D 194 31.78 0.78 -1.72
N THR D 195 32.70 -0.16 -1.48
CA THR D 195 33.42 -0.19 -0.22
C THR D 195 34.29 1.05 -0.06
N GLN D 196 34.99 1.45 -1.12
CA GLN D 196 35.81 2.67 -1.06
C GLN D 196 34.95 3.90 -0.83
N ARG D 197 33.80 3.98 -1.50
CA ARG D 197 32.91 5.13 -1.32
C ARG D 197 32.38 5.19 0.12
N LEU D 198 31.97 4.04 0.65
CA LEU D 198 31.46 4.02 2.02
C LEU D 198 32.56 4.38 3.01
N GLU D 199 33.78 3.88 2.80
CA GLU D 199 34.88 4.21 3.71
C GLU D 199 35.23 5.69 3.62
N HIS D 200 35.16 6.25 2.40
CA HIS D 200 35.38 7.68 2.19
C HIS D 200 34.40 8.52 3.00
N ALA D 201 33.11 8.21 2.88
CA ALA D 201 32.10 8.92 3.67
C ALA D 201 32.29 8.71 5.17
N PHE D 202 32.59 7.48 5.58
CA PHE D 202 32.77 7.17 6.99
C PHE D 202 33.92 7.97 7.59
N ASN D 203 35.03 8.07 6.86
CA ASN D 203 36.19 8.80 7.35
C ASN D 203 35.96 10.30 7.37
N ILE D 204 35.25 10.84 6.36
CA ILE D 204 34.88 12.25 6.43
C ILE D 204 34.04 12.50 7.68
N ALA D 205 33.03 11.67 7.90
CA ALA D 205 32.14 11.87 9.04
C ALA D 205 32.88 11.73 10.36
N ARG D 206 33.86 10.83 10.44
CA ARG D 206 34.57 10.62 11.70
C ARG D 206 35.57 11.73 11.97
N TYR D 207 36.44 12.03 11.01
CA TYR D 207 37.54 12.93 11.28
C TYR D 207 37.24 14.38 10.93
N GLN D 208 36.22 14.65 10.10
CA GLN D 208 35.83 16.03 9.81
C GLN D 208 34.47 16.40 10.38
N LEU D 209 33.63 15.43 10.75
CA LEU D 209 32.35 15.72 11.40
C LEU D 209 32.24 15.15 12.82
N GLY D 210 33.21 14.34 13.26
CA GLY D 210 33.18 13.84 14.62
C GLY D 210 32.16 12.75 14.89
N ILE D 211 31.81 11.95 13.87
CA ILE D 211 30.82 10.88 14.01
C ILE D 211 31.56 9.56 14.04
N GLU D 212 31.34 8.77 15.09
CA GLU D 212 32.03 7.50 15.24
C GLU D 212 31.61 6.53 14.13
N LYS D 213 32.55 5.70 13.71
CA LYS D 213 32.32 4.73 12.64
C LYS D 213 31.44 3.61 13.18
N LEU D 214 30.14 3.89 13.28
CA LEU D 214 29.20 2.91 13.83
C LEU D 214 28.99 1.73 12.90
N LEU D 215 29.22 1.91 11.59
CA LEU D 215 28.92 0.92 10.58
C LEU D 215 30.19 0.49 9.87
N ASP D 216 30.26 -0.77 9.53
CA ASP D 216 31.30 -1.26 8.64
C ASP D 216 30.79 -1.23 7.21
N PRO D 217 31.69 -1.17 6.22
CA PRO D 217 31.23 -1.22 4.82
C PRO D 217 30.37 -2.44 4.53
N GLU D 218 30.72 -3.59 5.11
CA GLU D 218 29.94 -4.82 4.93
C GLU D 218 28.57 -4.75 5.60
N ASP D 219 28.34 -3.77 6.48
CA ASP D 219 27.02 -3.58 7.06
C ASP D 219 26.06 -2.85 6.13
N VAL D 220 26.58 -2.19 5.10
CA VAL D 220 25.75 -1.41 4.17
C VAL D 220 25.77 -2.01 2.78
N ASP D 221 26.95 -2.26 2.23
CA ASP D 221 27.10 -2.92 0.93
C ASP D 221 26.90 -4.42 1.14
N THR D 222 25.64 -4.81 1.26
CA THR D 222 25.26 -6.20 1.47
C THR D 222 23.84 -6.36 0.96
N THR D 223 23.42 -7.61 0.79
CA THR D 223 22.09 -7.88 0.23
C THR D 223 20.98 -7.34 1.12
N TYR D 224 21.06 -7.57 2.43
CA TYR D 224 20.02 -7.15 3.37
C TYR D 224 20.62 -6.26 4.46
N PRO D 225 20.72 -4.96 4.22
CA PRO D 225 21.28 -4.06 5.23
C PRO D 225 20.30 -3.84 6.36
N ASP D 226 20.83 -3.81 7.58
CA ASP D 226 20.00 -3.58 8.75
C ASP D 226 19.50 -2.15 8.76
N LYS D 227 18.18 -1.98 8.77
CA LYS D 227 17.59 -0.65 8.64
C LYS D 227 17.85 0.20 9.87
N LYS D 228 17.81 -0.40 11.06
CA LYS D 228 17.99 0.38 12.28
C LYS D 228 19.40 0.95 12.37
N SER D 229 20.41 0.18 11.97
CA SER D 229 21.78 0.69 12.01
C SER D 229 21.95 1.89 11.08
N ILE D 230 21.36 1.80 9.88
CA ILE D 230 21.44 2.90 8.92
C ILE D 230 20.70 4.12 9.44
N LEU D 231 19.48 3.92 9.98
CA LEU D 231 18.72 5.03 10.55
C LEU D 231 19.51 5.72 11.66
N MET D 232 20.08 4.94 12.56
CA MET D 232 21.00 5.42 13.60
C MET D 232 22.11 6.30 13.02
N TYR D 233 22.85 5.76 12.05
CA TYR D 233 23.99 6.51 11.50
C TYR D 233 23.54 7.77 10.78
N ILE D 234 22.46 7.70 10.01
CA ILE D 234 22.00 8.86 9.24
C ILE D 234 21.51 9.95 10.17
N THR D 235 20.86 9.60 11.27
CA THR D 235 20.44 10.62 12.23
C THR D 235 21.63 11.18 13.01
N SER D 236 22.68 10.38 13.21
CA SER D 236 23.92 10.95 13.76
C SER D 236 24.53 11.96 12.81
N LEU D 237 24.44 11.69 11.50
CA LEU D 237 24.91 12.66 10.51
C LEU D 237 24.05 13.91 10.53
N PHE D 238 22.73 13.73 10.56
CA PHE D 238 21.78 14.84 10.67
C PHE D 238 22.10 15.71 11.87
N GLN D 239 22.58 15.11 12.96
CA GLN D 239 22.81 15.88 14.17
C GLN D 239 23.93 16.90 14.01
N VAL D 240 24.99 16.57 13.28
CA VAL D 240 26.14 17.46 13.18
C VAL D 240 26.22 18.25 11.87
N LEU D 241 25.46 17.85 10.85
CA LEU D 241 25.58 18.57 9.58
C LEU D 241 24.85 19.90 9.67
N PRO D 242 25.39 20.97 9.05
CA PRO D 242 24.72 22.27 9.10
C PRO D 242 23.43 22.25 8.30
N GLN D 243 22.37 22.80 8.88
CA GLN D 243 21.04 22.84 8.27
C GLN D 243 20.50 24.26 8.35
N GLN D 244 21.27 25.20 7.83
CA GLN D 244 21.06 26.62 8.05
C GLN D 244 19.73 27.08 7.47
N VAL D 245 18.89 27.69 8.30
CA VAL D 245 17.60 28.20 7.87
C VAL D 245 17.78 29.44 6.99
#